data_6OON
#
_entry.id   6OON
#
_cell.length_a   213.980
_cell.length_b   68.011
_cell.length_c   83.270
_cell.angle_alpha   90.00
_cell.angle_beta   102.68
_cell.angle_gamma   90.00
#
_symmetry.space_group_name_H-M   'C 1 2 1'
#
loop_
_entity.id
_entity.type
_entity.pdbx_description
1 polymer 'Protein argonaute-4'
2 polymer "RNA (5'-R(P*AP*AP*AP*AP*AP*AP*AP*AP*AP*AP*UP*U)-3')"
3 water water
#
loop_
_entity_poly.entity_id
_entity_poly.type
_entity_poly.pdbx_seq_one_letter_code
_entity_poly.pdbx_strand_id
1 'polypeptide(L)'
;GSMEALGPGPPASLFQPPRRPGLGTVGKPIRLLANHFQVQIPKIDVYHYDVDIKPEKRPRRVNREVVDTMVRHFKMQIFG
DRQPGYDGKRNMYTAHPLPIGRDRVDMEVTLPGEGKDQTFKVSVQWVSVVSLQLLLEALAGHLNEVPDDSVQALDVITRH
LPSMRYTPVGRSFFSPPEGYYHPLGGGREVWFGFHQSVRPAMWNMMLNIDVSATAFYRAQPIIEFMCEVLDIQNINEQTK
PLTDSQRVKFTKEIRGLKVEVTHCGQMKRKYRVCNVTRRPASHQTFPLQLENGQAMECTVAQYFKQKYSLQLKYPHLPCL
QVGQEQKHTYLPLEVCNIVAGQRCIKKLTDNQTSTMIKATARSAPDRQEEISRLVKSNSMVGGPDPYLKEFGIVVHNEMT
ELTGRVLPAPMLQYGGRNKTVATPNQGVWDMRGKQFYAGIEIKVWAVACFAPQKQCREDLLKSFTDQLRKISKDAGMPIQ
GQPCFCKYAQGADSVEPMFKHLKMTYVGLQLIVVILPGKTPVYAEVKRVGDTLLGMATQCVQVKNVVKTSPQTLSNLCLK
INAKLGGINNVLVPHQRPSVFQQPVIFLGADVTHPPAGDGKKPSIAAVVGSMDGHPSRYCATVRVQTSRQEISQELLYSQ
EVIQDLTNMVRELLIQFYKSTRFKPTRIIYYRGGVSEGQMKQVAWPELIAIRKACISLEEDYRPGITYIVVQKRHHTRLF
CADKTERVGKSGNVPAGTTVDSTITHPSEFDFYLCSHAGIQGTSRPSHYQVLWDDNCFTADELQLLTYQLCHTYVRCTRS
VSIPAPAYYARLVAFRARYHLVDKDHDSAEGSHVSGQSNGRDPQALAKAVQIHHDTQHTMYFA
;
A
2 'polyribonucleotide' AAAAAAAAAAUU B
#
# COMPACT_ATOMS: atom_id res chain seq x y z
N LEU A 14 3.04 -27.36 1.03
CA LEU A 14 3.72 -26.72 -0.10
C LEU A 14 3.16 -27.21 -1.43
N PHE A 15 3.30 -26.39 -2.47
CA PHE A 15 2.70 -26.68 -3.76
C PHE A 15 3.47 -26.05 -4.92
N GLN A 16 3.13 -26.49 -6.14
CA GLN A 16 3.65 -25.91 -7.36
C GLN A 16 2.63 -24.96 -7.98
N PRO A 17 2.99 -23.68 -8.15
CA PRO A 17 2.06 -22.82 -8.88
C PRO A 17 2.11 -23.20 -10.36
N PRO A 18 1.11 -22.79 -11.15
CA PRO A 18 1.12 -23.23 -12.56
C PRO A 18 2.26 -22.64 -13.38
N ARG A 19 2.69 -23.38 -14.39
CA ARG A 19 3.67 -22.84 -15.34
C ARG A 19 3.00 -21.78 -16.21
N ARG A 20 3.79 -20.86 -16.75
CA ARG A 20 3.28 -19.94 -17.78
C ARG A 20 2.72 -20.78 -18.92
N PRO A 21 1.45 -20.58 -19.29
CA PRO A 21 0.86 -21.46 -20.32
C PRO A 21 1.34 -21.09 -21.71
N GLY A 22 1.90 -19.89 -21.83
CA GLY A 22 2.36 -19.38 -23.12
C GLY A 22 2.44 -17.86 -23.09
N LEU A 23 2.80 -17.26 -24.21
CA LEU A 23 2.93 -15.80 -24.30
C LEU A 23 1.68 -15.20 -24.90
N GLY A 24 1.27 -14.04 -24.39
CA GLY A 24 0.10 -13.36 -24.92
C GLY A 24 0.43 -12.78 -26.29
N THR A 25 -0.56 -12.75 -27.18
CA THR A 25 -0.36 -12.24 -28.55
C THR A 25 -1.37 -11.15 -28.93
N VAL A 26 -2.32 -10.89 -28.04
CA VAL A 26 -3.39 -9.91 -28.34
C VAL A 26 -2.92 -8.49 -28.03
N GLY A 27 -3.31 -7.54 -28.88
CA GLY A 27 -3.04 -6.15 -28.60
C GLY A 27 -1.97 -5.53 -29.48
N LYS A 28 -1.91 -4.20 -29.48
CA LYS A 28 -0.94 -3.47 -30.28
C LYS A 28 0.45 -3.51 -29.64
N PRO A 29 1.45 -3.99 -30.39
CA PRO A 29 2.82 -4.05 -29.88
C PRO A 29 3.34 -2.66 -29.50
N ILE A 30 4.07 -2.55 -28.41
CA ILE A 30 4.61 -1.25 -28.00
C ILE A 30 6.03 -1.46 -27.49
N ARG A 31 6.97 -0.69 -28.02
CA ARG A 31 8.37 -0.80 -27.61
C ARG A 31 8.56 -0.13 -26.26
N LEU A 32 9.18 -0.84 -25.32
CA LEU A 32 9.28 -0.38 -23.95
C LEU A 32 10.70 -0.44 -23.42
N LEU A 33 10.94 0.34 -22.37
CA LEU A 33 12.13 0.21 -21.54
C LEU A 33 11.66 -0.05 -20.11
N ALA A 34 12.39 -0.88 -19.36
CA ALA A 34 12.07 -1.16 -17.96
C ALA A 34 13.29 -0.88 -17.08
N ASN A 35 13.06 -0.42 -15.86
CA ASN A 35 14.16 -0.17 -14.94
C ASN A 35 14.67 -1.49 -14.32
N HIS A 36 14.89 -2.47 -15.19
CA HIS A 36 15.54 -3.73 -14.86
C HIS A 36 16.83 -3.77 -15.62
N PHE A 37 17.93 -3.99 -14.90
CA PHE A 37 19.27 -3.94 -15.46
C PHE A 37 19.88 -5.32 -15.39
N GLN A 38 20.30 -5.82 -16.54
CA GLN A 38 20.77 -7.18 -16.69
C GLN A 38 21.99 -7.45 -15.82
N VAL A 39 21.98 -8.59 -15.14
CA VAL A 39 23.11 -9.00 -14.32
C VAL A 39 23.76 -10.23 -14.96
N GLN A 40 25.05 -10.12 -15.27
CA GLN A 40 25.83 -11.24 -15.76
C GLN A 40 26.46 -12.01 -14.59
N ILE A 41 26.17 -13.31 -14.52
CA ILE A 41 26.65 -14.18 -13.45
C ILE A 41 27.40 -15.36 -14.03
N PRO A 42 28.61 -15.65 -13.52
CA PRO A 42 29.34 -16.83 -14.01
C PRO A 42 28.86 -18.14 -13.36
N LYS A 43 29.21 -19.29 -13.95
CA LYS A 43 28.82 -20.59 -13.41
C LYS A 43 29.76 -20.93 -12.28
N ILE A 44 29.52 -20.35 -11.10
CA ILE A 44 30.41 -20.58 -9.97
C ILE A 44 29.66 -20.90 -8.67
N ASP A 45 30.38 -21.48 -7.71
CA ASP A 45 29.86 -21.63 -6.36
C ASP A 45 29.94 -20.30 -5.63
N VAL A 46 29.10 -20.12 -4.62
CA VAL A 46 29.43 -19.16 -3.57
C VAL A 46 29.38 -19.94 -2.26
N TYR A 47 30.30 -19.65 -1.35
CA TYR A 47 30.39 -20.44 -0.13
C TYR A 47 29.74 -19.66 0.98
N HIS A 48 28.83 -20.34 1.67
CA HIS A 48 27.93 -19.71 2.60
C HIS A 48 28.31 -20.04 4.03
N TYR A 49 28.48 -19.00 4.83
CA TYR A 49 28.90 -19.13 6.22
C TYR A 49 27.88 -18.51 7.17
N ASP A 50 27.66 -19.19 8.29
CA ASP A 50 26.81 -18.64 9.32
C ASP A 50 27.65 -17.72 10.21
N VAL A 51 27.11 -16.55 10.52
CA VAL A 51 27.80 -15.60 11.38
C VAL A 51 27.02 -15.39 12.66
N ASP A 52 27.66 -15.70 13.79
CA ASP A 52 27.04 -15.57 15.10
C ASP A 52 27.75 -14.48 15.90
N ILE A 53 27.06 -13.36 16.11
CA ILE A 53 27.63 -12.24 16.84
C ILE A 53 27.03 -12.13 18.22
N LYS A 54 27.90 -11.99 19.22
CA LYS A 54 27.43 -11.68 20.57
C LYS A 54 28.22 -10.51 21.14
N PRO A 55 27.54 -9.56 21.81
CA PRO A 55 26.13 -9.56 22.22
C PRO A 55 25.12 -9.64 21.07
N GLU A 56 24.03 -10.37 21.31
CA GLU A 56 23.02 -10.75 20.32
C GLU A 56 22.54 -9.66 19.37
N LYS A 57 21.36 -9.14 19.64
CA LYS A 57 20.77 -8.16 18.74
C LYS A 57 21.36 -6.78 18.99
N ARG A 58 22.34 -6.43 18.16
CA ARG A 58 22.74 -5.04 18.03
C ARG A 58 22.10 -4.54 16.74
N PRO A 59 22.05 -3.21 16.55
CA PRO A 59 21.46 -2.80 15.26
C PRO A 59 22.20 -3.35 14.06
N ARG A 60 21.46 -3.61 12.99
CA ARG A 60 22.00 -4.26 11.82
C ARG A 60 23.26 -3.55 11.32
N ARG A 61 23.24 -2.22 11.32
CA ARG A 61 24.37 -1.41 10.89
C ARG A 61 25.63 -1.66 11.73
N VAL A 62 25.43 -1.97 13.02
CA VAL A 62 26.55 -2.30 13.89
C VAL A 62 27.16 -3.67 13.57
N ASN A 63 26.30 -4.66 13.31
CA ASN A 63 26.79 -5.97 12.90
C ASN A 63 27.62 -5.87 11.65
N ARG A 64 27.18 -5.01 10.73
CA ARG A 64 27.90 -4.83 9.47
C ARG A 64 29.31 -4.29 9.72
N GLU A 65 29.48 -3.37 10.65
CA GLU A 65 30.82 -2.84 10.90
C GLU A 65 31.63 -3.80 11.75
N VAL A 66 30.97 -4.51 12.66
CA VAL A 66 31.62 -5.59 13.40
C VAL A 66 32.29 -6.59 12.46
N VAL A 67 31.53 -7.02 11.46
CA VAL A 67 32.06 -7.99 10.51
C VAL A 67 33.08 -7.34 9.58
N ASP A 68 32.80 -6.12 9.15
CA ASP A 68 33.73 -5.41 8.27
C ASP A 68 35.11 -5.22 8.90
N THR A 69 35.13 -4.99 10.20
CA THR A 69 36.41 -4.81 10.88
C THR A 69 37.03 -6.17 11.22
N MET A 70 36.20 -7.17 11.48
CA MET A 70 36.69 -8.54 11.67
C MET A 70 37.42 -9.03 10.43
N VAL A 71 36.86 -8.72 9.26
CA VAL A 71 37.46 -9.14 7.99
C VAL A 71 38.84 -8.52 7.81
N ARG A 72 39.02 -7.27 8.22
CA ARG A 72 40.28 -6.60 8.00
C ARG A 72 41.34 -6.96 9.04
N HIS A 73 40.94 -7.10 10.31
CA HIS A 73 41.91 -7.41 11.37
C HIS A 73 42.40 -8.85 11.30
N PHE A 74 41.53 -9.75 10.83
CA PHE A 74 41.89 -11.16 10.71
C PHE A 74 42.23 -11.50 9.26
N LYS A 75 42.89 -10.58 8.57
CA LYS A 75 43.22 -10.78 7.18
C LYS A 75 44.24 -11.91 6.99
N MET A 76 45.39 -11.78 7.62
CA MET A 76 46.48 -12.72 7.36
C MET A 76 46.16 -14.11 7.88
N GLN A 77 45.34 -14.20 8.93
CA GLN A 77 45.00 -15.48 9.52
C GLN A 77 43.85 -16.22 8.81
N ILE A 78 42.81 -15.49 8.43
CA ILE A 78 41.60 -16.14 7.89
C ILE A 78 41.17 -15.65 6.51
N PHE A 79 41.08 -14.34 6.33
CA PHE A 79 40.36 -13.82 5.15
C PHE A 79 41.23 -13.49 3.95
N GLY A 80 42.48 -13.12 4.17
CA GLY A 80 43.39 -12.84 3.08
C GLY A 80 42.88 -11.79 2.09
N ASP A 81 42.68 -12.21 0.84
CA ASP A 81 42.22 -11.30 -0.21
C ASP A 81 40.72 -11.39 -0.45
N ARG A 82 40.04 -12.19 0.36
CA ARG A 82 38.59 -12.35 0.24
C ARG A 82 37.86 -11.04 0.54
N GLN A 83 36.83 -10.74 -0.25
CA GLN A 83 35.92 -9.63 0.04
C GLN A 83 34.54 -10.22 0.24
N PRO A 84 34.23 -10.66 1.46
CA PRO A 84 33.00 -11.42 1.75
C PRO A 84 31.76 -10.54 1.73
N GLY A 85 30.67 -11.06 1.18
CA GLY A 85 29.38 -10.38 1.26
C GLY A 85 28.77 -10.74 2.61
N TYR A 86 28.04 -9.81 3.21
CA TYR A 86 27.43 -10.07 4.50
C TYR A 86 26.14 -9.26 4.61
N ASP A 87 25.10 -9.85 5.20
CA ASP A 87 23.78 -9.21 5.20
C ASP A 87 23.48 -8.44 6.49
N GLY A 88 24.43 -8.43 7.40
CA GLY A 88 24.21 -7.73 8.66
C GLY A 88 23.41 -8.54 9.66
N LYS A 89 23.05 -9.76 9.27
CA LYS A 89 22.39 -10.71 10.16
C LYS A 89 23.31 -11.92 10.36
N ARG A 90 22.98 -13.05 9.75
CA ARG A 90 23.78 -14.26 9.98
C ARG A 90 24.43 -14.84 8.72
N ASN A 91 24.29 -14.15 7.59
CA ASN A 91 24.75 -14.73 6.32
C ASN A 91 25.95 -14.04 5.68
N MET A 92 27.03 -14.80 5.53
CA MET A 92 28.26 -14.35 4.87
C MET A 92 28.55 -15.25 3.66
N TYR A 93 29.05 -14.66 2.59
CA TYR A 93 29.30 -15.36 1.33
C TYR A 93 30.69 -15.04 0.79
N THR A 94 31.43 -16.08 0.40
CA THR A 94 32.76 -15.89 -0.15
C THR A 94 32.89 -16.58 -1.51
N ALA A 95 33.82 -16.13 -2.33
CA ALA A 95 34.02 -16.71 -3.64
C ALA A 95 34.85 -17.98 -3.55
N HIS A 96 35.63 -18.11 -2.49
CA HIS A 96 36.45 -19.31 -2.28
C HIS A 96 36.34 -19.68 -0.81
N PRO A 97 36.40 -20.99 -0.49
CA PRO A 97 36.28 -21.38 0.93
C PRO A 97 37.34 -20.78 1.84
N LEU A 98 36.88 -20.39 3.03
CA LEU A 98 37.76 -19.94 4.09
C LEU A 98 38.57 -21.12 4.62
N PRO A 99 39.80 -20.87 5.07
CA PRO A 99 40.70 -21.91 5.59
C PRO A 99 40.28 -22.46 6.96
N ILE A 100 39.03 -22.85 7.13
CA ILE A 100 38.54 -23.26 8.44
C ILE A 100 37.77 -24.57 8.40
N GLY A 101 37.71 -25.18 7.22
CA GLY A 101 36.99 -26.43 7.07
C GLY A 101 35.53 -26.30 7.47
N ARG A 102 35.05 -27.26 8.24
CA ARG A 102 33.66 -27.25 8.67
C ARG A 102 33.56 -26.78 10.11
N ASP A 103 34.68 -26.34 10.65
CA ASP A 103 34.77 -25.92 12.04
C ASP A 103 34.24 -24.52 12.32
N ARG A 104 33.57 -24.39 13.46
CA ARG A 104 33.12 -23.10 13.97
C ARG A 104 34.32 -22.38 14.54
N VAL A 105 34.68 -21.24 13.93
CA VAL A 105 35.81 -20.47 14.39
C VAL A 105 35.36 -19.24 15.17
N ASP A 106 35.84 -19.12 16.40
CA ASP A 106 35.50 -17.99 17.26
C ASP A 106 36.51 -16.86 17.11
N MET A 107 36.01 -15.64 16.94
CA MET A 107 36.89 -14.47 16.87
C MET A 107 36.45 -13.39 17.87
N GLU A 108 37.27 -12.36 18.00
CA GLU A 108 36.98 -11.24 18.87
C GLU A 108 37.39 -9.93 18.20
N VAL A 109 36.52 -8.92 18.26
CA VAL A 109 36.77 -7.67 17.58
C VAL A 109 36.34 -6.49 18.45
N THR A 110 37.04 -5.36 18.33
CA THR A 110 36.72 -4.17 19.12
C THR A 110 36.40 -2.96 18.24
N LEU A 111 35.45 -2.15 18.69
CA LEU A 111 35.09 -0.92 18.00
C LEU A 111 35.19 0.29 18.92
N GLN A 118 33.22 -1.07 21.95
CA GLN A 118 32.80 -2.33 22.56
C GLN A 118 33.47 -3.54 21.88
N THR A 119 33.76 -4.57 22.67
CA THR A 119 34.33 -5.82 22.17
C THR A 119 33.27 -6.86 21.81
N PHE A 120 33.35 -7.42 20.61
CA PHE A 120 32.37 -8.40 20.17
C PHE A 120 32.96 -9.80 20.02
N LYS A 121 32.13 -10.82 20.21
CA LYS A 121 32.54 -12.18 19.96
C LYS A 121 31.73 -12.74 18.76
N VAL A 122 32.44 -13.11 17.71
CA VAL A 122 31.80 -13.52 16.46
C VAL A 122 32.25 -14.91 16.03
N SER A 123 31.27 -15.80 15.80
CA SER A 123 31.55 -17.15 15.31
C SER A 123 31.24 -17.24 13.84
N VAL A 124 32.13 -17.90 13.09
CA VAL A 124 31.92 -18.09 11.67
C VAL A 124 32.04 -19.57 11.38
N GLN A 125 31.11 -20.09 10.57
CA GLN A 125 31.07 -21.52 10.30
C GLN A 125 30.41 -21.84 8.97
N TRP A 126 31.08 -22.68 8.18
CA TRP A 126 30.56 -23.21 6.92
C TRP A 126 29.14 -23.75 7.11
N VAL A 127 28.21 -23.39 6.24
CA VAL A 127 26.91 -24.04 6.30
C VAL A 127 26.57 -24.74 5.00
N SER A 128 26.93 -24.15 3.86
CA SER A 128 26.60 -24.77 2.58
C SER A 128 27.36 -24.23 1.37
N VAL A 129 27.30 -24.99 0.29
CA VAL A 129 27.66 -24.49 -1.03
C VAL A 129 26.39 -23.99 -1.72
N VAL A 130 26.45 -22.79 -2.28
CA VAL A 130 25.35 -22.25 -3.03
C VAL A 130 25.75 -22.21 -4.50
N SER A 131 24.94 -22.84 -5.35
CA SER A 131 25.30 -22.93 -6.76
C SER A 131 24.69 -21.83 -7.58
N LEU A 132 25.51 -20.97 -8.20
CA LEU A 132 24.95 -19.97 -9.12
C LEU A 132 24.62 -20.63 -10.46
N GLN A 133 25.33 -21.71 -10.81
CA GLN A 133 24.98 -22.44 -12.03
C GLN A 133 23.55 -22.97 -11.95
N LEU A 134 23.17 -23.50 -10.79
CA LEU A 134 21.82 -24.02 -10.60
C LEU A 134 20.77 -22.92 -10.83
N LEU A 135 21.10 -21.71 -10.40
CA LEU A 135 20.22 -20.57 -10.64
C LEU A 135 20.09 -20.34 -12.13
N LEU A 136 21.24 -20.37 -12.81
CA LEU A 136 21.25 -20.14 -14.26
C LEU A 136 20.48 -21.24 -15.01
N GLU A 137 20.53 -22.46 -14.48
CA GLU A 137 19.79 -23.56 -15.10
C GLU A 137 18.28 -23.27 -15.00
N ALA A 138 17.84 -22.76 -13.85
CA ALA A 138 16.42 -22.43 -13.66
C ALA A 138 15.97 -21.28 -14.56
N LEU A 139 16.87 -20.33 -14.80
CA LEU A 139 16.52 -19.18 -15.64
C LEU A 139 16.50 -19.58 -17.10
N ALA A 140 17.15 -20.69 -17.41
CA ALA A 140 17.20 -21.23 -18.75
C ALA A 140 16.00 -22.13 -19.00
N GLY A 141 15.10 -22.22 -18.01
CA GLY A 141 13.92 -23.07 -18.11
C GLY A 141 14.22 -24.55 -17.86
N HIS A 142 15.47 -24.88 -17.56
CA HIS A 142 15.88 -26.28 -17.38
C HIS A 142 15.37 -26.85 -16.07
N LEU A 143 14.83 -25.96 -15.24
CA LEU A 143 14.45 -26.34 -13.88
C LEU A 143 13.08 -25.77 -13.51
N ASN A 144 12.39 -26.51 -12.65
CA ASN A 144 11.08 -26.15 -12.11
C ASN A 144 11.08 -24.83 -11.36
N GLU A 145 11.89 -24.80 -10.31
CA GLU A 145 11.86 -23.78 -9.28
C GLU A 145 13.10 -22.93 -9.35
N VAL A 146 12.95 -21.63 -9.19
CA VAL A 146 14.11 -20.76 -9.00
C VAL A 146 14.63 -20.97 -7.59
N PRO A 147 15.92 -21.36 -7.44
CA PRO A 147 16.42 -21.64 -6.09
C PRO A 147 16.56 -20.37 -5.25
N ASP A 148 16.00 -20.41 -4.04
CA ASP A 148 16.02 -19.22 -3.18
C ASP A 148 17.41 -18.92 -2.61
N ASP A 149 18.21 -19.95 -2.35
CA ASP A 149 19.50 -19.70 -1.69
C ASP A 149 20.45 -18.89 -2.58
N SER A 150 20.40 -19.17 -3.88
CA SER A 150 21.18 -18.48 -4.90
C SER A 150 20.73 -17.03 -5.07
N VAL A 151 19.42 -16.82 -5.12
CA VAL A 151 18.89 -15.47 -5.26
C VAL A 151 19.27 -14.65 -4.04
N GLN A 152 19.14 -15.25 -2.86
CA GLN A 152 19.50 -14.54 -1.63
C GLN A 152 21.00 -14.18 -1.61
N ALA A 153 21.87 -15.13 -1.97
CA ALA A 153 23.31 -14.87 -2.00
C ALA A 153 23.59 -13.66 -2.89
N LEU A 154 22.99 -13.65 -4.07
CA LEU A 154 23.22 -12.61 -5.04
C LEU A 154 22.74 -11.25 -4.51
N ASP A 155 21.61 -11.26 -3.83
CA ASP A 155 21.08 -10.04 -3.21
C ASP A 155 22.06 -9.49 -2.17
N VAL A 156 22.60 -10.38 -1.34
CA VAL A 156 23.49 -9.94 -0.28
C VAL A 156 24.78 -9.37 -0.90
N ILE A 157 25.31 -10.05 -1.91
CA ILE A 157 26.52 -9.62 -2.56
C ILE A 157 26.35 -8.29 -3.25
N THR A 158 25.27 -8.15 -4.02
CA THR A 158 25.08 -6.94 -4.79
C THR A 158 24.62 -5.75 -3.95
N ARG A 159 24.20 -5.98 -2.70
CA ARG A 159 23.78 -4.84 -1.89
C ARG A 159 24.74 -4.56 -0.72
N HIS A 160 25.87 -5.27 -0.68
CA HIS A 160 26.84 -5.08 0.39
C HIS A 160 27.42 -3.66 0.41
N LEU A 161 27.89 -3.22 -0.75
CA LEU A 161 28.53 -1.90 -0.84
C LEU A 161 27.56 -0.76 -0.51
N PRO A 162 26.35 -0.73 -1.13
CA PRO A 162 25.52 0.42 -0.75
C PRO A 162 25.05 0.37 0.70
N SER A 163 25.05 -0.81 1.32
CA SER A 163 24.61 -0.97 2.70
C SER A 163 25.64 -0.36 3.66
N MET A 164 26.89 -0.25 3.19
CA MET A 164 27.95 0.32 3.99
C MET A 164 28.00 1.83 3.79
N ARG A 165 27.50 2.27 2.64
CA ARG A 165 27.74 3.62 2.17
C ARG A 165 26.52 4.52 2.38
N TYR A 166 25.34 3.91 2.43
CA TYR A 166 24.10 4.65 2.55
C TYR A 166 23.33 4.18 3.78
N THR A 167 22.17 4.77 4.04
CA THR A 167 21.30 4.30 5.10
C THR A 167 20.19 3.40 4.54
N PRO A 168 20.29 2.09 4.79
CA PRO A 168 19.26 1.18 4.28
C PRO A 168 17.92 1.38 4.99
N VAL A 169 16.84 1.29 4.22
CA VAL A 169 15.50 1.20 4.76
C VAL A 169 14.77 0.17 3.90
N GLY A 170 14.45 -0.99 4.48
CA GLY A 170 13.94 -2.09 3.69
C GLY A 170 14.92 -2.36 2.56
N ARG A 171 14.44 -2.39 1.33
CA ARG A 171 15.30 -2.65 0.19
C ARG A 171 15.79 -1.37 -0.48
N SER A 172 15.63 -0.24 0.19
CA SER A 172 16.09 1.04 -0.32
C SER A 172 17.30 1.54 0.45
N PHE A 173 17.92 2.59 -0.09
CA PHE A 173 19.12 3.21 0.47
C PHE A 173 18.93 4.72 0.38
N PHE A 174 19.17 5.43 1.48
CA PHE A 174 18.99 6.87 1.51
C PHE A 174 20.22 7.62 2.00
N SER A 175 20.33 8.88 1.59
CA SER A 175 21.45 9.75 1.95
C SER A 175 20.90 11.04 2.54
N PRO A 176 21.60 11.62 3.52
CA PRO A 176 21.18 12.93 4.06
C PRO A 176 21.14 14.00 2.98
N PRO A 177 20.18 14.94 3.09
CA PRO A 177 20.02 16.01 2.10
C PRO A 177 21.15 17.04 2.16
N GLU A 178 22.33 16.67 1.68
CA GLU A 178 23.49 17.57 1.71
C GLU A 178 23.31 18.73 0.73
N GLY A 179 23.34 19.95 1.26
CA GLY A 179 23.25 21.13 0.41
C GLY A 179 21.87 21.36 -0.18
N TYR A 180 20.90 20.58 0.27
CA TYR A 180 19.51 20.80 -0.12
C TYR A 180 18.63 20.99 1.11
N TYR A 181 17.68 21.91 0.99
CA TYR A 181 16.71 22.14 2.06
C TYR A 181 15.34 21.61 1.61
N HIS A 182 14.92 20.48 2.18
CA HIS A 182 13.63 19.91 1.86
C HIS A 182 12.81 19.59 3.12
N PRO A 183 12.22 20.63 3.73
CA PRO A 183 11.46 20.50 4.98
C PRO A 183 10.02 19.99 4.77
N LEU A 184 9.53 19.25 5.75
CA LEU A 184 8.17 18.69 5.74
C LEU A 184 7.29 19.25 6.84
N GLY A 185 7.92 19.85 7.84
CA GLY A 185 7.22 20.29 9.03
C GLY A 185 7.35 19.26 10.13
N GLY A 186 7.01 19.66 11.35
CA GLY A 186 7.08 18.75 12.47
C GLY A 186 8.46 18.13 12.68
N GLY A 187 9.50 18.84 12.24
CA GLY A 187 10.87 18.38 12.44
C GLY A 187 11.28 17.27 11.50
N ARG A 188 10.52 17.07 10.42
CA ARG A 188 10.82 16.01 9.46
C ARG A 188 11.36 16.60 8.17
N GLU A 189 12.13 15.78 7.44
CA GLU A 189 12.73 16.23 6.19
C GLU A 189 12.76 15.07 5.21
N VAL A 190 12.93 15.36 3.93
CA VAL A 190 13.02 14.31 2.90
C VAL A 190 14.47 13.87 2.67
N TRP A 191 14.71 12.57 2.73
CA TRP A 191 15.95 12.00 2.24
C TRP A 191 15.68 11.32 0.92
N PHE A 192 16.57 11.51 -0.04
CA PHE A 192 16.46 10.87 -1.34
C PHE A 192 17.39 9.68 -1.44
N GLY A 193 17.05 8.75 -2.31
CA GLY A 193 17.90 7.60 -2.55
C GLY A 193 17.32 6.71 -3.63
N PHE A 194 17.43 5.41 -3.42
CA PHE A 194 17.00 4.48 -4.44
C PHE A 194 16.62 3.14 -3.85
N HIS A 195 15.72 2.45 -4.56
CA HIS A 195 15.36 1.07 -4.28
C HIS A 195 16.25 0.16 -5.10
N GLN A 196 16.63 -0.98 -4.55
CA GLN A 196 17.37 -1.98 -5.31
C GLN A 196 16.92 -3.38 -4.91
N SER A 197 16.54 -4.19 -5.89
CA SER A 197 16.26 -5.60 -5.61
C SER A 197 16.75 -6.46 -6.77
N VAL A 198 17.04 -7.72 -6.49
CA VAL A 198 17.44 -8.65 -7.55
C VAL A 198 16.23 -9.47 -7.91
N ARG A 199 16.02 -9.68 -9.20
CA ARG A 199 14.82 -10.37 -9.64
C ARG A 199 15.16 -11.38 -10.72
N PRO A 200 14.66 -12.62 -10.60
CA PRO A 200 14.84 -13.58 -11.70
C PRO A 200 14.04 -13.17 -12.94
N ALA A 201 14.62 -13.41 -14.11
CA ALA A 201 13.94 -13.25 -15.39
C ALA A 201 14.39 -14.40 -16.29
N MET A 202 13.87 -14.50 -17.51
CA MET A 202 14.40 -15.53 -18.43
C MET A 202 15.89 -15.25 -18.74
N TRP A 203 16.70 -16.31 -18.71
CA TRP A 203 18.14 -16.30 -19.06
C TRP A 203 19.05 -15.64 -18.04
N ASN A 204 18.64 -14.45 -17.60
CA ASN A 204 19.49 -13.59 -16.79
C ASN A 204 18.77 -13.04 -15.56
N MET A 205 19.51 -12.87 -14.47
CA MET A 205 19.02 -12.12 -13.32
C MET A 205 18.94 -10.66 -13.70
N MET A 206 18.05 -9.94 -13.03
CA MET A 206 17.91 -8.50 -13.26
C MET A 206 18.08 -7.75 -11.95
N LEU A 207 18.65 -6.55 -12.03
CA LEU A 207 18.65 -5.63 -10.90
C LEU A 207 17.57 -4.58 -11.14
N ASN A 208 16.57 -4.52 -10.26
CA ASN A 208 15.51 -3.53 -10.34
C ASN A 208 15.96 -2.29 -9.55
N ILE A 209 16.23 -1.20 -10.25
CA ILE A 209 16.63 0.07 -9.61
C ILE A 209 15.58 1.14 -9.85
N ASP A 210 15.15 1.82 -8.79
CA ASP A 210 14.18 2.92 -8.93
C ASP A 210 14.58 4.02 -7.96
N VAL A 211 14.42 5.28 -8.35
CA VAL A 211 14.74 6.36 -7.42
C VAL A 211 13.69 6.33 -6.32
N SER A 212 14.03 6.86 -5.16
CA SER A 212 13.12 6.80 -4.05
C SER A 212 13.35 7.99 -3.10
N ALA A 213 12.41 8.23 -2.21
CA ALA A 213 12.55 9.27 -1.19
C ALA A 213 11.67 8.92 -0.02
N THR A 214 12.11 9.29 1.18
CA THR A 214 11.32 8.99 2.36
C THR A 214 11.61 10.00 3.48
N ALA A 215 10.80 9.95 4.51
CA ALA A 215 10.85 10.97 5.55
C ALA A 215 11.72 10.53 6.72
N PHE A 216 12.59 11.44 7.14
CA PHE A 216 13.45 11.24 8.29
C PHE A 216 13.24 12.37 9.28
N TYR A 217 13.61 12.16 10.53
CA TYR A 217 13.71 13.28 11.45
C TYR A 217 15.01 14.04 11.15
N ARG A 218 14.92 15.35 11.04
CA ARG A 218 16.10 16.18 10.85
C ARG A 218 16.96 16.20 12.12
N ALA A 219 18.27 16.00 11.96
CA ALA A 219 19.19 16.14 13.08
C ALA A 219 19.28 17.60 13.47
N GLN A 220 18.77 17.93 14.65
CA GLN A 220 18.68 19.32 15.09
C GLN A 220 18.61 19.40 16.60
N PRO A 221 18.87 20.59 17.18
CA PRO A 221 18.65 20.77 18.61
C PRO A 221 17.21 20.46 19.00
N ILE A 222 17.03 19.82 20.15
CA ILE A 222 15.71 19.50 20.69
C ILE A 222 14.84 20.75 20.84
N ILE A 223 15.47 21.85 21.23
CA ILE A 223 14.74 23.12 21.38
C ILE A 223 14.15 23.59 20.05
N GLU A 224 14.89 23.41 18.96
CA GLU A 224 14.39 23.78 17.64
C GLU A 224 13.28 22.82 17.23
N PHE A 225 13.48 21.54 17.51
CA PHE A 225 12.47 20.51 17.28
C PHE A 225 11.20 20.88 18.04
N MET A 226 11.36 21.25 19.31
CA MET A 226 10.21 21.59 20.14
C MET A 226 9.41 22.76 19.57
N CYS A 227 10.10 23.76 19.05
CA CYS A 227 9.44 24.94 18.49
C CYS A 227 8.60 24.61 17.24
N GLU A 228 9.10 23.68 16.42
CA GLU A 228 8.38 23.27 15.21
C GLU A 228 7.09 22.55 15.57
N VAL A 229 7.23 21.49 16.37
CA VAL A 229 6.09 20.72 16.85
C VAL A 229 5.10 21.60 17.62
N LEU A 230 5.62 22.41 18.53
CA LEU A 230 4.75 23.16 19.43
C LEU A 230 4.40 24.56 18.98
N ASP A 231 4.28 24.81 17.68
CA ASP A 231 3.54 26.01 17.26
C ASP A 231 4.30 27.31 17.54
N ILE A 232 5.58 27.25 17.87
CA ILE A 232 6.27 28.39 18.48
C ILE A 232 7.17 29.12 17.49
N GLN A 233 6.80 30.36 17.19
CA GLN A 233 7.52 31.21 16.24
C GLN A 233 8.94 31.55 16.69
N ASN A 234 9.08 31.87 17.98
CA ASN A 234 10.32 32.40 18.53
C ASN A 234 10.22 32.36 20.05
N ILE A 235 11.38 32.29 20.72
CA ILE A 235 11.45 32.29 22.18
C ILE A 235 10.70 33.50 22.74
N LYS A 240 9.77 31.59 30.78
CA LYS A 240 8.38 31.27 30.45
C LYS A 240 8.23 29.79 30.19
N PRO A 241 7.93 29.00 31.24
CA PRO A 241 7.74 27.55 31.12
C PRO A 241 6.60 27.16 30.18
N LEU A 242 6.55 25.89 29.78
CA LEU A 242 5.55 25.41 28.83
C LEU A 242 4.13 25.46 29.40
N THR A 243 3.18 24.94 28.64
CA THR A 243 1.78 24.95 29.07
C THR A 243 1.15 23.57 28.97
N ASP A 244 -0.15 23.54 29.29
CA ASP A 244 -0.96 22.33 29.31
C ASP A 244 -0.74 21.37 28.15
N SER A 245 -1.41 21.66 27.04
CA SER A 245 -1.45 20.76 25.91
C SER A 245 -0.32 21.01 24.93
N GLN A 246 0.55 21.95 25.27
CA GLN A 246 1.84 22.03 24.58
C GLN A 246 2.61 20.76 24.89
N ARG A 247 2.92 20.59 26.16
CA ARG A 247 3.76 19.49 26.63
C ARG A 247 3.23 18.09 26.27
N VAL A 248 1.91 17.92 26.25
CA VAL A 248 1.36 16.59 25.96
C VAL A 248 1.64 16.18 24.52
N LYS A 249 1.66 17.15 23.60
CA LYS A 249 1.92 16.84 22.20
C LYS A 249 3.41 16.80 21.93
N PHE A 250 4.17 17.66 22.61
CA PHE A 250 5.63 17.63 22.48
C PHE A 250 6.18 16.27 22.87
N THR A 251 5.60 15.67 23.91
CA THR A 251 5.99 14.32 24.30
C THR A 251 5.74 13.34 23.15
N LYS A 252 4.48 13.22 22.76
CA LYS A 252 4.04 12.25 21.77
C LYS A 252 4.88 12.27 20.48
N GLU A 253 5.49 13.41 20.17
CA GLU A 253 6.34 13.52 19.00
C GLU A 253 7.81 13.14 19.29
N ILE A 254 8.23 13.25 20.54
CA ILE A 254 9.65 13.00 20.86
C ILE A 254 9.90 11.64 21.52
N ARG A 255 8.86 11.03 22.09
CA ARG A 255 8.99 9.72 22.72
C ARG A 255 9.53 8.66 21.76
N GLY A 256 10.61 8.00 22.17
CA GLY A 256 11.17 6.92 21.36
C GLY A 256 12.31 7.31 20.45
N LEU A 257 12.61 8.60 20.35
CA LEU A 257 13.69 9.04 19.48
C LEU A 257 15.03 9.00 20.21
N LYS A 258 16.09 8.76 19.45
CA LYS A 258 17.46 8.83 19.97
C LYS A 258 17.92 10.28 20.05
N VAL A 259 18.43 10.69 21.20
CA VAL A 259 19.06 11.99 21.32
C VAL A 259 20.53 11.83 21.69
N GLU A 260 21.33 12.83 21.37
CA GLU A 260 22.74 12.84 21.74
C GLU A 260 23.01 14.12 22.54
N VAL A 261 24.00 14.09 23.43
CA VAL A 261 24.23 15.22 24.34
C VAL A 261 25.35 16.15 23.90
N ARG A 269 27.40 10.71 24.02
CA ARG A 269 26.65 9.47 24.17
C ARG A 269 25.17 9.68 23.85
N LYS A 270 24.53 8.65 23.32
CA LYS A 270 23.12 8.71 22.92
C LYS A 270 22.18 8.10 23.96
N TYR A 271 20.93 8.58 23.96
CA TYR A 271 19.89 8.06 24.84
C TYR A 271 18.57 7.89 24.09
N ARG A 272 17.57 7.32 24.76
CA ARG A 272 16.23 7.22 24.20
C ARG A 272 15.22 7.93 25.10
N VAL A 273 14.26 8.63 24.49
CA VAL A 273 13.32 9.46 25.25
C VAL A 273 12.11 8.67 25.72
N CYS A 274 12.01 8.49 27.03
CA CYS A 274 10.85 7.84 27.64
C CYS A 274 9.69 8.81 27.67
N ASN A 275 10.02 10.06 27.97
CA ASN A 275 9.05 11.08 28.33
C ASN A 275 9.77 12.41 28.50
N VAL A 276 9.02 13.49 28.64
CA VAL A 276 9.61 14.77 29.01
C VAL A 276 9.21 15.02 30.47
N THR A 277 9.81 16.01 31.14
CA THR A 277 9.51 16.27 32.54
C THR A 277 8.44 17.35 32.72
N ARG A 278 7.66 17.24 33.79
CA ARG A 278 6.58 18.18 34.01
C ARG A 278 7.05 19.51 34.61
N ARG A 279 8.14 19.48 35.39
CA ARG A 279 8.69 20.72 35.92
C ARG A 279 10.01 21.11 35.25
N PRO A 280 10.35 22.40 35.27
CA PRO A 280 11.52 22.91 34.57
C PRO A 280 12.82 22.35 35.13
N ALA A 281 13.90 22.43 34.35
CA ALA A 281 15.21 21.94 34.76
C ALA A 281 15.69 22.58 36.06
N SER A 282 15.24 23.81 36.30
CA SER A 282 15.56 24.52 37.53
C SER A 282 15.03 23.81 38.76
N HIS A 283 13.96 23.04 38.59
CA HIS A 283 13.27 22.47 39.74
C HIS A 283 13.13 20.94 39.73
N GLN A 284 13.52 20.29 38.64
CA GLN A 284 13.37 18.83 38.52
C GLN A 284 14.41 18.06 39.34
N THR A 285 13.99 17.46 40.45
CA THR A 285 14.91 16.77 41.36
C THR A 285 15.23 15.32 40.95
N PHE A 286 16.35 14.83 41.47
CA PHE A 286 16.68 13.41 41.45
C PHE A 286 17.56 13.08 42.66
N PRO A 287 17.48 11.83 43.15
CA PRO A 287 18.38 11.40 44.22
C PRO A 287 19.83 11.27 43.73
N LEU A 288 20.73 12.07 44.28
CA LEU A 288 22.14 11.99 43.92
C LEU A 288 22.92 11.18 44.96
N MET A 296 22.68 13.07 47.65
CA MET A 296 21.71 14.04 48.17
C MET A 296 20.43 14.03 47.34
N GLU A 297 19.54 14.96 47.63
CA GLU A 297 18.51 15.32 46.68
C GLU A 297 18.97 16.54 45.91
N CYS A 298 19.10 16.36 44.59
CA CYS A 298 19.60 17.42 43.72
C CYS A 298 18.68 17.61 42.52
N THR A 299 18.62 18.84 42.00
CA THR A 299 17.83 19.07 40.82
C THR A 299 18.76 19.26 39.62
N VAL A 300 18.16 19.44 38.45
CA VAL A 300 18.89 19.31 37.20
C VAL A 300 19.87 20.47 36.93
N ALA A 301 19.44 21.71 37.11
CA ALA A 301 20.26 22.88 36.78
C ALA A 301 21.63 22.88 37.46
N GLN A 302 21.62 22.70 38.78
CA GLN A 302 22.83 22.69 39.60
C GLN A 302 23.81 21.58 39.18
N TYR A 303 23.22 20.44 38.84
CA TYR A 303 23.98 19.25 38.48
C TYR A 303 24.91 19.48 37.29
N PHE A 304 24.48 20.31 36.36
CA PHE A 304 25.22 20.55 35.12
C PHE A 304 26.17 21.76 35.21
N LYS A 305 26.18 22.43 36.35
CA LYS A 305 27.23 23.43 36.55
C LYS A 305 28.26 22.94 37.58
N GLN A 306 27.92 21.90 38.33
CA GLN A 306 28.91 21.27 39.21
C GLN A 306 29.93 20.53 38.36
N LYS A 307 29.43 19.79 37.37
CA LYS A 307 30.31 19.05 36.45
C LYS A 307 30.67 19.86 35.23
N TYR A 308 29.69 20.00 34.34
CA TYR A 308 29.87 20.59 33.03
C TYR A 308 30.22 22.07 33.12
N SER A 309 30.00 22.66 34.30
CA SER A 309 30.13 24.10 34.51
C SER A 309 29.21 24.85 33.54
N LEU A 310 27.97 24.38 33.43
CA LEU A 310 27.02 24.93 32.48
C LEU A 310 25.86 25.66 33.15
N GLN A 311 25.75 26.96 32.89
CA GLN A 311 24.57 27.71 33.28
C GLN A 311 23.53 27.53 32.19
N LEU A 312 22.44 26.84 32.52
CA LEU A 312 21.37 26.61 31.55
C LEU A 312 20.79 27.94 31.06
N LYS A 313 20.68 28.07 29.74
CA LYS A 313 20.09 29.26 29.14
C LYS A 313 18.57 29.09 29.16
N TYR A 314 18.13 27.83 29.21
CA TYR A 314 16.71 27.57 29.31
C TYR A 314 16.39 26.68 30.51
N PRO A 315 16.62 27.21 31.74
CA PRO A 315 16.34 26.42 32.95
C PRO A 315 14.84 26.33 33.19
N HIS A 316 14.08 27.19 32.52
CA HIS A 316 12.63 27.22 32.64
C HIS A 316 11.99 26.17 31.73
N LEU A 317 12.80 25.55 30.88
CA LEU A 317 12.32 24.47 30.02
C LEU A 317 12.46 23.12 30.71
N PRO A 318 11.62 22.14 30.34
CA PRO A 318 11.69 20.83 30.98
C PRO A 318 12.91 20.01 30.59
N CYS A 319 13.00 18.79 31.10
CA CYS A 319 14.07 17.89 30.73
C CYS A 319 13.50 16.72 29.96
N LEU A 320 14.31 16.10 29.12
CA LEU A 320 13.93 14.84 28.51
C LEU A 320 14.25 13.71 29.48
N GLN A 321 13.28 12.81 29.69
CA GLN A 321 13.54 11.64 30.50
C GLN A 321 14.10 10.53 29.64
N VAL A 322 15.26 10.01 30.03
CA VAL A 322 15.94 8.97 29.26
C VAL A 322 16.27 7.75 30.11
N THR A 329 17.55 10.17 35.48
CA THR A 329 17.27 9.94 34.07
C THR A 329 16.87 11.21 33.34
N TYR A 330 17.50 12.34 33.65
CA TYR A 330 17.02 13.62 33.14
C TYR A 330 18.06 14.45 32.37
N LEU A 331 17.67 14.91 31.18
CA LEU A 331 18.53 15.76 30.36
C LEU A 331 17.80 17.05 29.98
N PRO A 332 18.40 18.22 30.29
CA PRO A 332 17.74 19.48 29.92
C PRO A 332 17.76 19.65 28.40
N LEU A 333 16.73 20.28 27.85
CA LEU A 333 16.53 20.32 26.40
C LEU A 333 17.75 20.83 25.64
N GLU A 334 18.36 21.89 26.14
CA GLU A 334 19.43 22.58 25.40
C GLU A 334 20.69 21.73 25.24
N VAL A 335 20.77 20.64 26.00
CA VAL A 335 21.94 19.76 25.97
C VAL A 335 21.77 18.66 24.92
N CYS A 336 20.54 18.48 24.42
CA CYS A 336 20.21 17.35 23.53
C CYS A 336 19.94 17.74 22.08
N ASN A 337 20.40 16.89 21.17
CA ASN A 337 20.08 16.99 19.75
C ASN A 337 19.46 15.68 19.28
N ILE A 338 18.52 15.76 18.35
CA ILE A 338 18.02 14.58 17.67
C ILE A 338 19.18 13.88 16.95
N VAL A 339 19.31 12.58 17.14
CA VAL A 339 20.36 11.83 16.45
C VAL A 339 20.01 11.66 14.97
N ALA A 340 20.99 11.89 14.11
CA ALA A 340 20.76 11.85 12.67
C ALA A 340 20.41 10.44 12.18
N GLY A 341 19.63 10.37 11.11
CA GLY A 341 19.36 9.12 10.43
C GLY A 341 18.25 8.26 11.01
N GLN A 342 17.33 8.87 11.74
CA GLN A 342 16.16 8.14 12.23
C GLN A 342 14.97 8.28 11.28
N ARG A 343 14.62 7.17 10.64
CA ARG A 343 13.43 7.01 9.83
C ARG A 343 12.19 7.58 10.52
N CYS A 344 11.35 8.29 9.79
CA CYS A 344 10.07 8.71 10.33
C CYS A 344 9.07 7.56 10.16
N ILE A 345 8.71 6.92 11.26
CA ILE A 345 7.87 5.73 11.21
C ILE A 345 6.39 6.09 11.34
N LYS A 346 6.10 7.09 12.18
CA LYS A 346 4.74 7.60 12.34
C LYS A 346 4.12 7.96 11.00
N LYS A 347 2.79 7.99 10.97
CA LYS A 347 2.07 8.39 9.76
C LYS A 347 2.30 9.88 9.49
N LEU A 348 2.45 10.22 8.22
CA LEU A 348 2.57 11.62 7.82
C LEU A 348 1.19 12.29 7.88
N THR A 349 1.16 13.58 8.24
CA THR A 349 -0.07 14.35 8.11
C THR A 349 -0.44 14.41 6.64
N ASP A 350 -1.65 14.89 6.34
CA ASP A 350 -2.12 14.90 4.97
C ASP A 350 -1.30 15.85 4.10
N ASN A 351 -0.81 16.94 4.69
CA ASN A 351 -0.04 17.92 3.93
C ASN A 351 1.45 17.57 3.84
N GLN A 352 1.98 16.93 4.88
CA GLN A 352 3.32 16.37 4.79
C GLN A 352 3.37 15.38 3.64
N THR A 353 2.34 14.53 3.56
CA THR A 353 2.21 13.57 2.47
C THR A 353 2.22 14.29 1.11
N SER A 354 1.45 15.38 1.03
CA SER A 354 1.38 16.18 -0.20
C SER A 354 2.72 16.78 -0.57
N THR A 355 3.32 17.49 0.39
CA THR A 355 4.64 18.08 0.22
C THR A 355 5.65 17.07 -0.32
N MET A 356 5.62 15.85 0.23
CA MET A 356 6.57 14.85 -0.20
C MET A 356 6.29 14.37 -1.62
N ILE A 357 5.01 14.18 -1.95
CA ILE A 357 4.67 13.76 -3.29
C ILE A 357 5.12 14.84 -4.29
N LYS A 358 4.83 16.10 -4.01
CA LYS A 358 5.22 17.18 -4.92
C LYS A 358 6.74 17.34 -5.02
N ALA A 359 7.47 16.87 -4.02
CA ALA A 359 8.92 16.90 -4.06
C ALA A 359 9.48 15.65 -4.76
N THR A 360 8.62 14.66 -4.96
CA THR A 360 9.08 13.35 -5.42
C THR A 360 8.31 12.75 -6.61
N ALA A 361 7.26 13.44 -7.06
CA ALA A 361 6.53 12.98 -8.23
C ALA A 361 7.06 13.66 -9.48
N ARG A 362 7.81 12.92 -10.28
CA ARG A 362 8.32 13.47 -11.53
C ARG A 362 7.61 12.76 -12.69
N SER A 363 7.46 13.43 -13.82
CA SER A 363 6.94 12.79 -15.04
C SER A 363 7.70 11.50 -15.35
N ALA A 364 7.11 10.62 -16.17
CA ALA A 364 7.80 9.37 -16.50
C ALA A 364 9.14 9.60 -17.22
N PRO A 365 9.18 10.52 -18.21
CA PRO A 365 10.50 10.71 -18.85
C PRO A 365 11.55 11.29 -17.89
N ASP A 366 11.14 12.14 -16.97
CA ASP A 366 12.07 12.64 -15.95
C ASP A 366 12.54 11.52 -15.03
N ARG A 367 11.62 10.62 -14.62
CA ARG A 367 12.03 9.53 -13.74
C ARG A 367 12.98 8.60 -14.48
N GLN A 368 12.68 8.36 -15.75
CA GLN A 368 13.50 7.53 -16.62
C GLN A 368 14.95 8.03 -16.68
N GLU A 369 15.11 9.33 -16.91
CA GLU A 369 16.43 9.91 -17.01
C GLU A 369 17.16 9.88 -15.67
N GLU A 370 16.42 10.06 -14.58
CA GLU A 370 17.04 10.03 -13.25
C GLU A 370 17.53 8.64 -12.87
N ILE A 371 16.75 7.61 -13.21
CA ILE A 371 17.19 6.24 -12.96
C ILE A 371 18.44 5.96 -13.78
N SER A 372 18.36 6.31 -15.07
CA SER A 372 19.46 6.03 -15.99
C SER A 372 20.73 6.70 -15.53
N ARG A 373 20.61 7.94 -15.07
CA ARG A 373 21.80 8.67 -14.65
C ARG A 373 22.34 8.13 -13.33
N LEU A 374 21.44 7.72 -12.44
CA LEU A 374 21.85 7.12 -11.18
C LEU A 374 22.69 5.86 -11.41
N VAL A 375 22.24 5.01 -12.33
CA VAL A 375 22.91 3.75 -12.57
C VAL A 375 24.25 3.97 -13.26
N LYS A 376 24.31 4.92 -14.18
CA LYS A 376 25.56 5.18 -14.91
C LYS A 376 26.61 5.95 -14.11
N SER A 377 26.21 6.58 -13.00
CA SER A 377 27.16 7.35 -12.20
C SER A 377 28.09 6.42 -11.40
N PRO A 384 33.48 0.79 -9.64
CA PRO A 384 34.10 0.33 -8.39
C PRO A 384 33.13 -0.39 -7.47
N ASP A 385 33.21 -1.72 -7.44
CA ASP A 385 32.54 -2.52 -6.40
C ASP A 385 33.31 -3.83 -6.26
N PRO A 386 34.07 -3.96 -5.16
CA PRO A 386 34.96 -5.12 -4.99
C PRO A 386 34.17 -6.37 -4.62
N TYR A 387 32.91 -6.20 -4.25
CA TYR A 387 32.08 -7.34 -3.90
C TYR A 387 31.57 -8.00 -5.18
N LEU A 388 31.23 -7.18 -6.18
CA LEU A 388 30.85 -7.71 -7.49
C LEU A 388 32.06 -8.37 -8.16
N LYS A 389 33.20 -7.69 -8.14
CA LYS A 389 34.42 -8.20 -8.78
C LYS A 389 34.85 -9.54 -8.20
N GLU A 390 34.72 -9.66 -6.88
CA GLU A 390 35.02 -10.88 -6.14
C GLU A 390 34.34 -12.13 -6.71
N PHE A 391 33.16 -11.94 -7.31
CA PHE A 391 32.34 -13.02 -7.84
C PHE A 391 32.16 -12.92 -9.36
N GLY A 392 32.99 -12.13 -10.02
CA GLY A 392 32.85 -11.88 -11.44
C GLY A 392 31.48 -11.42 -11.91
N ILE A 393 30.73 -10.76 -11.03
CA ILE A 393 29.39 -10.28 -11.37
C ILE A 393 29.49 -8.94 -12.09
N VAL A 394 28.72 -8.79 -13.17
CA VAL A 394 28.69 -7.53 -13.90
C VAL A 394 27.25 -7.07 -14.10
N VAL A 395 26.99 -5.82 -13.76
CA VAL A 395 25.67 -5.23 -13.91
C VAL A 395 25.67 -4.28 -15.11
N HIS A 396 24.80 -4.51 -16.08
CA HIS A 396 24.73 -3.63 -17.25
C HIS A 396 24.11 -2.28 -16.87
N ASN A 397 24.58 -1.20 -17.48
CA ASN A 397 24.18 0.11 -17.03
C ASN A 397 23.08 0.75 -17.89
N GLU A 398 22.44 -0.06 -18.75
CA GLU A 398 21.32 0.39 -19.57
C GLU A 398 20.02 -0.35 -19.24
N MET A 399 18.91 0.37 -19.24
CA MET A 399 17.60 -0.24 -19.06
C MET A 399 17.36 -1.32 -20.11
N THR A 400 16.67 -2.38 -19.70
CA THR A 400 16.29 -3.48 -20.57
C THR A 400 15.24 -3.00 -21.58
N GLU A 401 15.42 -3.37 -22.84
CA GLU A 401 14.44 -3.11 -23.90
C GLU A 401 13.57 -4.33 -24.06
N LEU A 402 12.28 -4.12 -24.28
CA LEU A 402 11.37 -5.23 -24.41
C LEU A 402 10.18 -4.74 -25.19
N THR A 403 9.35 -5.67 -25.65
CA THR A 403 8.13 -5.29 -26.34
C THR A 403 6.91 -5.73 -25.53
N GLY A 404 6.02 -4.79 -25.22
CA GLY A 404 4.79 -5.14 -24.56
C GLY A 404 3.66 -5.05 -25.57
N ARG A 405 2.42 -5.14 -25.09
CA ARG A 405 1.25 -5.04 -25.95
C ARG A 405 0.27 -4.13 -25.25
N VAL A 406 -0.39 -3.26 -26.02
CA VAL A 406 -1.51 -2.52 -25.45
C VAL A 406 -2.81 -3.29 -25.73
N LEU A 407 -3.38 -3.84 -24.68
CA LEU A 407 -4.61 -4.61 -24.82
C LEU A 407 -5.76 -3.74 -25.27
N PRO A 408 -6.69 -4.32 -26.03
CA PRO A 408 -7.92 -3.59 -26.36
C PRO A 408 -8.79 -3.44 -25.12
N ALA A 409 -9.39 -2.25 -24.97
CA ALA A 409 -10.31 -1.97 -23.86
C ALA A 409 -11.73 -2.39 -24.23
N PRO A 410 -12.53 -2.78 -23.23
CA PRO A 410 -13.91 -3.18 -23.49
C PRO A 410 -14.79 -1.98 -23.86
N MET A 411 -15.96 -2.28 -24.41
CA MET A 411 -17.02 -1.29 -24.54
C MET A 411 -17.96 -1.46 -23.34
N LEU A 412 -18.48 -0.35 -22.82
CA LEU A 412 -19.43 -0.38 -21.71
C LEU A 412 -20.84 -0.11 -22.23
N GLN A 413 -21.80 -0.85 -21.70
CA GLN A 413 -23.20 -0.72 -22.13
C GLN A 413 -23.98 0.07 -21.11
N TYR A 414 -24.54 1.21 -21.54
CA TYR A 414 -25.42 2.01 -20.69
C TYR A 414 -26.88 1.75 -21.06
N GLY A 415 -27.82 2.48 -20.47
CA GLY A 415 -29.22 2.10 -20.64
C GLY A 415 -30.20 3.24 -20.53
N GLY A 416 -31.37 2.95 -19.98
CA GLY A 416 -32.40 3.95 -19.82
C GLY A 416 -33.05 4.31 -21.13
N ARG A 417 -32.98 5.59 -21.49
CA ARG A 417 -33.60 6.15 -22.69
C ARG A 417 -33.25 5.39 -23.99
N ASN A 418 -31.98 5.00 -24.11
CA ASN A 418 -31.52 4.21 -25.25
C ASN A 418 -30.40 3.25 -24.81
N LYS A 419 -30.12 2.24 -25.62
CA LYS A 419 -29.01 1.36 -25.28
C LYS A 419 -27.69 2.03 -25.66
N THR A 420 -27.35 3.12 -24.97
CA THR A 420 -26.15 3.86 -25.36
C THR A 420 -24.88 3.12 -24.93
N VAL A 421 -23.76 3.48 -25.52
CA VAL A 421 -22.50 2.79 -25.21
C VAL A 421 -21.36 3.77 -25.00
N ALA A 422 -20.29 3.29 -24.37
CA ALA A 422 -19.07 4.07 -24.19
C ALA A 422 -17.87 3.17 -24.35
N THR A 423 -16.78 3.69 -24.89
CA THR A 423 -15.52 2.92 -24.80
C THR A 423 -14.43 3.93 -24.47
N PRO A 424 -13.48 3.52 -23.63
CA PRO A 424 -12.44 4.47 -23.20
C PRO A 424 -11.55 4.90 -24.34
N ASN A 425 -11.09 6.14 -24.24
CA ASN A 425 -9.96 6.60 -25.02
C ASN A 425 -8.87 6.99 -24.04
N GLN A 426 -7.69 6.39 -24.17
CA GLN A 426 -6.59 6.58 -23.21
C GLN A 426 -7.04 6.32 -21.77
N GLY A 427 -7.82 5.28 -21.55
CA GLY A 427 -8.21 4.93 -20.19
C GLY A 427 -9.39 5.66 -19.56
N VAL A 428 -10.05 6.53 -20.30
CA VAL A 428 -11.10 7.40 -19.74
C VAL A 428 -12.30 7.46 -20.68
N TRP A 429 -13.50 7.48 -20.13
CA TRP A 429 -14.67 7.82 -20.95
C TRP A 429 -15.55 8.77 -20.13
N ASP A 430 -16.70 9.15 -20.67
CA ASP A 430 -17.58 9.99 -19.85
C ASP A 430 -19.04 9.56 -19.99
N MET A 431 -19.87 9.99 -19.07
CA MET A 431 -21.30 9.67 -19.13
C MET A 431 -22.16 10.66 -19.89
N ARG A 432 -21.54 11.60 -20.61
CA ARG A 432 -22.32 12.58 -21.31
C ARG A 432 -23.30 11.93 -22.26
N GLY A 433 -24.58 12.27 -22.11
CA GLY A 433 -25.64 11.86 -23.02
C GLY A 433 -26.02 10.41 -22.82
N LYS A 434 -25.64 9.86 -21.67
CA LYS A 434 -25.91 8.47 -21.36
C LYS A 434 -26.54 8.31 -20.00
N GLN A 435 -27.42 7.32 -19.89
CA GLN A 435 -28.09 7.02 -18.62
C GLN A 435 -27.65 5.66 -18.09
N PHE A 436 -27.76 5.46 -16.77
CA PHE A 436 -27.34 4.20 -16.17
C PHE A 436 -28.06 2.99 -16.79
N TYR A 437 -27.35 1.87 -16.86
CA TYR A 437 -27.92 0.63 -17.35
C TYR A 437 -29.19 0.26 -16.58
N ALA A 438 -29.12 0.44 -15.26
CA ALA A 438 -30.31 0.29 -14.41
C ALA A 438 -30.28 1.39 -13.36
N GLY A 439 -31.04 2.46 -13.60
CA GLY A 439 -31.01 3.63 -12.73
C GLY A 439 -32.08 3.56 -11.68
N ILE A 440 -31.76 4.01 -10.47
CA ILE A 440 -32.74 3.97 -9.38
C ILE A 440 -33.53 5.27 -9.32
N GLU A 441 -34.86 5.15 -9.23
CA GLU A 441 -35.69 6.33 -9.05
C GLU A 441 -35.69 6.72 -7.57
N ILE A 442 -35.32 7.95 -7.27
CA ILE A 442 -35.24 8.37 -5.88
C ILE A 442 -36.42 9.27 -5.54
N LYS A 443 -37.34 8.72 -4.75
CA LYS A 443 -38.60 9.40 -4.43
C LYS A 443 -38.55 10.07 -3.07
N VAL A 444 -37.80 9.47 -2.14
CA VAL A 444 -37.77 10.00 -0.77
C VAL A 444 -36.32 10.13 -0.32
N TRP A 445 -35.91 11.35 -0.04
CA TRP A 445 -34.52 11.59 0.33
C TRP A 445 -34.46 12.77 1.28
N ALA A 446 -33.37 12.86 2.04
CA ALA A 446 -33.24 13.93 3.01
C ALA A 446 -31.87 14.60 2.91
N VAL A 447 -31.78 15.85 3.35
CA VAL A 447 -30.51 16.54 3.41
C VAL A 447 -30.24 16.97 4.85
N ALA A 448 -29.04 16.67 5.32
CA ALA A 448 -28.60 17.18 6.61
C ALA A 448 -27.33 17.97 6.41
N CYS A 449 -27.35 19.25 6.76
CA CYS A 449 -26.15 20.07 6.59
C CYS A 449 -25.45 20.31 7.92
N PHE A 450 -24.26 19.72 8.07
CA PHE A 450 -23.50 19.87 9.29
C PHE A 450 -22.50 21.02 9.21
N ALA A 451 -22.45 21.67 8.05
CA ALA A 451 -21.70 22.92 7.93
C ALA A 451 -22.57 24.05 8.45
N PRO A 452 -21.95 25.06 9.08
CA PRO A 452 -22.68 26.22 9.58
C PRO A 452 -23.45 26.95 8.47
N GLN A 453 -24.68 27.39 8.74
CA GLN A 453 -25.51 28.07 7.75
C GLN A 453 -24.82 29.30 7.17
N LYS A 454 -23.99 29.90 8.01
CA LYS A 454 -23.13 31.03 7.68
C LYS A 454 -22.27 30.66 6.46
N GLN A 455 -21.77 29.43 6.46
CA GLN A 455 -20.85 28.92 5.45
C GLN A 455 -21.57 28.28 4.27
N CYS A 456 -22.83 27.93 4.49
CA CYS A 456 -23.63 27.24 3.48
C CYS A 456 -25.08 27.71 3.56
N ARG A 457 -25.30 28.93 3.09
CA ARG A 457 -26.59 29.61 3.15
C ARG A 457 -27.69 28.82 2.43
N GLU A 458 -28.95 29.04 2.79
CA GLU A 458 -30.05 28.25 2.21
C GLU A 458 -30.12 28.33 0.69
N ASP A 459 -29.88 29.51 0.12
CA ASP A 459 -29.95 29.65 -1.32
C ASP A 459 -28.82 28.87 -2.00
N LEU A 460 -27.69 28.71 -1.30
CA LEU A 460 -26.60 27.87 -1.79
C LEU A 460 -27.01 26.40 -1.75
N LEU A 461 -27.73 26.04 -0.69
CA LEU A 461 -28.16 24.65 -0.53
C LEU A 461 -29.24 24.27 -1.54
N LYS A 462 -30.18 25.19 -1.79
CA LYS A 462 -31.24 24.95 -2.76
C LYS A 462 -30.68 24.81 -4.16
N SER A 463 -29.73 25.69 -4.50
CA SER A 463 -29.07 25.62 -5.79
C SER A 463 -28.32 24.29 -5.95
N PHE A 464 -27.72 23.82 -4.87
CA PHE A 464 -27.02 22.53 -4.93
C PHE A 464 -27.99 21.38 -5.20
N THR A 465 -29.11 21.34 -4.48
CA THR A 465 -30.08 20.26 -4.63
C THR A 465 -30.80 20.34 -5.98
N ASP A 466 -31.10 21.55 -6.43
CA ASP A 466 -31.68 21.76 -7.76
C ASP A 466 -30.78 21.15 -8.83
N GLN A 467 -29.49 21.49 -8.80
CA GLN A 467 -28.54 21.00 -9.80
C GLN A 467 -28.37 19.48 -9.73
N LEU A 468 -28.32 18.96 -8.50
CA LEU A 468 -28.15 17.52 -8.32
C LEU A 468 -29.38 16.79 -8.87
N ARG A 469 -30.57 17.36 -8.65
CA ARG A 469 -31.77 16.81 -9.25
C ARG A 469 -31.68 16.75 -10.76
N LYS A 470 -31.26 17.86 -11.38
CA LYS A 470 -31.15 17.90 -12.84
C LYS A 470 -30.14 16.90 -13.37
N ILE A 471 -28.96 16.84 -12.76
CA ILE A 471 -27.93 15.89 -13.17
C ILE A 471 -28.41 14.45 -13.00
N SER A 472 -29.13 14.18 -11.92
CA SER A 472 -29.58 12.81 -11.64
C SER A 472 -30.61 12.36 -12.69
N LYS A 473 -31.48 13.28 -13.10
CA LYS A 473 -32.44 12.99 -14.17
C LYS A 473 -31.70 12.67 -15.47
N ASP A 474 -30.69 13.47 -15.80
CA ASP A 474 -29.87 13.23 -17.00
C ASP A 474 -29.23 11.84 -16.98
N ALA A 475 -28.89 11.38 -15.78
CA ALA A 475 -28.14 10.13 -15.62
C ALA A 475 -29.07 8.93 -15.51
N GLY A 476 -30.39 9.19 -15.48
CA GLY A 476 -31.37 8.13 -15.38
C GLY A 476 -31.55 7.61 -13.98
N MET A 477 -31.14 8.40 -12.99
CA MET A 477 -31.36 8.09 -11.59
C MET A 477 -32.20 9.24 -11.01
N PRO A 478 -33.44 9.39 -11.50
CA PRO A 478 -34.10 10.67 -11.25
C PRO A 478 -34.42 10.89 -9.77
N ILE A 479 -33.88 11.98 -9.23
CA ILE A 479 -34.30 12.40 -7.91
C ILE A 479 -35.61 13.16 -8.11
N GLN A 480 -36.71 12.54 -7.72
CA GLN A 480 -38.04 13.11 -7.91
C GLN A 480 -38.35 14.06 -6.76
N GLY A 481 -38.53 15.34 -7.07
CA GLY A 481 -38.92 16.31 -6.07
C GLY A 481 -37.87 16.68 -5.04
N GLN A 482 -38.26 17.58 -4.15
CA GLN A 482 -37.37 18.13 -3.14
C GLN A 482 -37.20 17.19 -1.96
N PRO A 483 -36.16 17.39 -1.14
CA PRO A 483 -35.98 16.54 0.03
C PRO A 483 -37.20 16.60 0.95
N CYS A 484 -37.50 15.48 1.61
CA CYS A 484 -38.59 15.44 2.60
C CYS A 484 -38.15 16.12 3.90
N PHE A 485 -36.85 16.37 4.00
CA PHE A 485 -36.23 16.89 5.21
C PHE A 485 -34.91 17.57 4.83
N CYS A 486 -34.77 18.84 5.16
CA CYS A 486 -33.51 19.54 4.90
C CYS A 486 -33.22 20.52 6.02
N LYS A 487 -32.35 20.11 6.94
CA LYS A 487 -32.07 20.93 8.11
C LYS A 487 -30.57 21.05 8.39
N TYR A 488 -30.22 22.06 9.19
CA TYR A 488 -28.88 22.24 9.70
C TYR A 488 -28.73 21.51 11.03
N ALA A 489 -27.53 20.98 11.27
CA ALA A 489 -27.22 20.39 12.57
C ALA A 489 -25.78 20.67 12.92
N GLN A 490 -25.41 20.37 14.17
CA GLN A 490 -24.05 20.61 14.64
C GLN A 490 -23.57 19.45 15.50
N GLY A 491 -22.40 18.92 15.18
CA GLY A 491 -21.76 17.92 16.03
C GLY A 491 -22.16 16.49 15.75
N ALA A 492 -21.21 15.59 15.96
CA ALA A 492 -21.42 14.15 15.73
C ALA A 492 -22.52 13.58 16.62
N ASP A 493 -22.77 14.22 17.76
CA ASP A 493 -23.76 13.70 18.70
C ASP A 493 -25.18 13.83 18.18
N SER A 494 -25.37 14.67 17.16
CA SER A 494 -26.69 14.86 16.57
C SER A 494 -27.02 13.79 15.55
N VAL A 495 -26.00 13.07 15.07
CA VAL A 495 -26.18 12.13 13.97
C VAL A 495 -27.15 11.00 14.33
N GLU A 496 -26.89 10.33 15.45
CA GLU A 496 -27.70 9.17 15.79
C GLU A 496 -29.19 9.54 16.03
N PRO A 497 -29.48 10.56 16.86
CA PRO A 497 -30.91 10.88 17.05
C PRO A 497 -31.57 11.40 15.77
N MET A 498 -30.85 12.16 14.97
CA MET A 498 -31.41 12.62 13.70
C MET A 498 -31.74 11.48 12.74
N PHE A 499 -30.81 10.53 12.57
CA PHE A 499 -31.04 9.43 11.63
C PHE A 499 -32.14 8.51 12.15
N LYS A 500 -32.18 8.28 13.45
CA LYS A 500 -33.29 7.54 14.05
C LYS A 500 -34.62 8.21 13.75
N HIS A 501 -34.66 9.53 13.91
CA HIS A 501 -35.88 10.27 13.62
C HIS A 501 -36.28 10.15 12.16
N LEU A 502 -35.31 10.28 11.27
CA LEU A 502 -35.58 10.20 9.84
C LEU A 502 -36.15 8.83 9.46
N LYS A 503 -35.51 7.77 9.97
CA LYS A 503 -35.94 6.40 9.68
C LYS A 503 -37.35 6.18 10.21
N MET A 504 -37.64 6.79 11.35
CA MET A 504 -38.95 6.66 11.99
C MET A 504 -40.05 7.40 11.24
N THR A 505 -39.69 8.53 10.64
CA THR A 505 -40.68 9.49 10.19
C THR A 505 -40.99 9.37 8.70
N TYR A 506 -39.97 9.04 7.90
CA TYR A 506 -40.15 9.03 6.47
C TYR A 506 -40.07 7.62 5.91
N VAL A 507 -41.25 7.02 5.76
CA VAL A 507 -41.33 5.67 5.22
C VAL A 507 -40.90 5.75 3.75
N GLY A 508 -40.08 4.80 3.34
CA GLY A 508 -39.58 4.80 1.98
C GLY A 508 -38.32 5.64 1.80
N LEU A 509 -37.82 6.24 2.89
CA LEU A 509 -36.59 7.03 2.80
C LEU A 509 -35.46 6.21 2.18
N GLN A 510 -34.89 6.70 1.07
CA GLN A 510 -33.88 5.95 0.32
C GLN A 510 -32.46 6.45 0.53
N LEU A 511 -32.32 7.72 0.90
CA LEU A 511 -31.01 8.34 0.94
C LEU A 511 -30.96 9.56 1.86
N ILE A 512 -29.88 9.69 2.61
CA ILE A 512 -29.58 10.92 3.34
C ILE A 512 -28.31 11.53 2.78
N VAL A 513 -28.41 12.77 2.32
CA VAL A 513 -27.23 13.47 1.81
C VAL A 513 -26.70 14.31 2.94
N VAL A 514 -25.41 14.13 3.26
CA VAL A 514 -24.84 14.81 4.41
C VAL A 514 -23.77 15.78 3.96
N ILE A 515 -23.93 17.06 4.31
CA ILE A 515 -22.93 18.06 3.96
C ILE A 515 -22.01 18.28 5.14
N LEU A 516 -20.71 18.07 4.91
CA LEU A 516 -19.72 18.15 5.97
C LEU A 516 -18.83 19.37 5.83
N PRO A 517 -18.44 19.96 6.98
CA PRO A 517 -17.54 21.11 7.07
C PRO A 517 -16.07 20.69 7.15
N GLY A 518 -15.53 20.22 6.03
CA GLY A 518 -14.15 19.74 6.00
C GLY A 518 -13.97 18.43 6.73
N LYS A 519 -12.77 18.20 7.25
CA LYS A 519 -12.50 17.01 8.06
C LYS A 519 -13.12 17.16 9.43
N THR A 520 -13.85 16.13 9.86
CA THR A 520 -14.67 16.23 11.06
C THR A 520 -14.98 14.83 11.60
N PRO A 521 -15.15 14.71 12.93
CA PRO A 521 -15.58 13.44 13.51
C PRO A 521 -16.96 13.00 12.99
N VAL A 522 -17.70 13.94 12.40
CA VAL A 522 -19.04 13.67 11.91
C VAL A 522 -19.04 12.56 10.85
N TYR A 523 -18.04 12.54 9.97
CA TYR A 523 -18.04 11.54 8.89
C TYR A 523 -18.05 10.12 9.42
N ALA A 524 -17.15 9.81 10.34
CA ALA A 524 -17.07 8.47 10.93
C ALA A 524 -18.37 8.10 11.65
N GLU A 525 -18.98 9.07 12.34
CA GLU A 525 -20.25 8.82 13.00
C GLU A 525 -21.40 8.61 12.00
N VAL A 526 -21.41 9.37 10.91
CA VAL A 526 -22.44 9.18 9.89
C VAL A 526 -22.38 7.75 9.35
N LYS A 527 -21.17 7.26 9.09
CA LYS A 527 -21.02 5.91 8.55
C LYS A 527 -21.29 4.84 9.61
N ARG A 528 -20.87 5.08 10.85
CA ARG A 528 -21.21 4.15 11.94
C ARG A 528 -22.73 3.97 12.06
N VAL A 529 -23.42 5.09 12.20
CA VAL A 529 -24.86 5.05 12.39
C VAL A 529 -25.55 4.49 11.16
N GLY A 530 -25.19 5.01 10.00
CA GLY A 530 -25.81 4.62 8.75
C GLY A 530 -25.54 3.18 8.38
N ASP A 531 -24.26 2.79 8.34
CA ASP A 531 -23.89 1.45 7.86
C ASP A 531 -24.18 0.37 8.87
N THR A 532 -23.92 0.62 10.15
CA THR A 532 -23.91 -0.46 11.13
C THR A 532 -25.07 -0.42 12.12
N LEU A 533 -25.50 0.77 12.53
CA LEU A 533 -26.52 0.88 13.55
C LEU A 533 -27.95 0.80 12.98
N LEU A 534 -28.22 1.54 11.92
CA LEU A 534 -29.61 1.67 11.45
C LEU A 534 -29.85 1.16 10.04
N GLY A 535 -28.78 0.94 9.29
CA GLY A 535 -28.90 0.41 7.93
C GLY A 535 -29.55 1.36 6.95
N MET A 536 -28.98 2.55 6.81
CA MET A 536 -29.53 3.62 5.98
C MET A 536 -28.45 4.11 5.04
N ALA A 537 -28.77 4.24 3.76
CA ALA A 537 -27.80 4.72 2.78
C ALA A 537 -27.51 6.17 3.01
N THR A 538 -26.22 6.52 2.95
CA THR A 538 -25.79 7.91 3.12
C THR A 538 -24.80 8.32 2.05
N GLN A 539 -24.89 9.56 1.59
CA GLN A 539 -23.91 10.13 0.68
C GLN A 539 -23.40 11.44 1.26
N CYS A 540 -22.12 11.49 1.64
CA CYS A 540 -21.55 12.73 2.18
C CYS A 540 -20.95 13.56 1.06
N VAL A 541 -20.83 14.86 1.32
CA VAL A 541 -20.26 15.79 0.35
C VAL A 541 -19.71 16.98 1.13
N GLN A 542 -18.48 17.38 0.81
CA GLN A 542 -17.86 18.48 1.53
C GLN A 542 -18.52 19.78 1.13
N VAL A 543 -18.64 20.71 2.09
CA VAL A 543 -19.34 21.96 1.85
C VAL A 543 -18.70 22.73 0.69
N LYS A 544 -17.40 22.59 0.49
CA LYS A 544 -16.73 23.34 -0.57
C LYS A 544 -17.27 22.93 -1.94
N ASN A 545 -17.74 21.69 -2.05
CA ASN A 545 -18.30 21.21 -3.29
C ASN A 545 -19.81 21.46 -3.34
N VAL A 546 -20.36 22.02 -2.27
CA VAL A 546 -21.74 22.47 -2.28
C VAL A 546 -21.84 23.96 -2.65
N VAL A 547 -21.02 24.80 -2.01
CA VAL A 547 -21.09 26.23 -2.23
C VAL A 547 -20.50 26.63 -3.59
N LYS A 548 -19.71 25.73 -4.15
CA LYS A 548 -19.06 25.93 -5.44
C LYS A 548 -19.19 24.63 -6.25
N THR A 549 -20.32 24.46 -6.94
CA THR A 549 -20.61 23.20 -7.58
C THR A 549 -19.96 23.02 -8.95
N SER A 550 -19.99 21.80 -9.44
CA SER A 550 -19.45 21.42 -10.74
C SER A 550 -20.17 20.18 -11.27
N PRO A 551 -20.51 20.18 -12.56
CA PRO A 551 -21.30 19.08 -13.15
C PRO A 551 -20.58 17.74 -13.05
N GLN A 552 -19.26 17.75 -13.20
CA GLN A 552 -18.44 16.55 -13.07
C GLN A 552 -18.55 15.97 -11.66
N THR A 553 -18.44 16.85 -10.66
CA THR A 553 -18.56 16.42 -9.27
C THR A 553 -19.94 15.84 -8.99
N LEU A 554 -20.98 16.53 -9.44
CA LEU A 554 -22.34 16.06 -9.23
C LEU A 554 -22.61 14.75 -9.95
N SER A 555 -22.05 14.63 -11.15
CA SER A 555 -22.24 13.41 -11.91
C SER A 555 -21.56 12.24 -11.20
N ASN A 556 -20.36 12.48 -10.67
CA ASN A 556 -19.64 11.44 -9.94
C ASN A 556 -20.35 11.03 -8.67
N LEU A 557 -21.02 11.99 -8.03
CA LEU A 557 -21.82 11.66 -6.86
C LEU A 557 -22.91 10.68 -7.24
N CYS A 558 -23.52 10.90 -8.40
CA CYS A 558 -24.62 10.05 -8.83
C CYS A 558 -24.13 8.61 -9.11
N LEU A 559 -22.90 8.48 -9.61
CA LEU A 559 -22.29 7.15 -9.82
C LEU A 559 -22.35 6.38 -8.52
N LYS A 560 -21.97 7.04 -7.44
CA LYS A 560 -21.93 6.38 -6.13
C LYS A 560 -23.31 6.14 -5.60
N ILE A 561 -24.19 7.15 -5.72
CA ILE A 561 -25.53 7.01 -5.18
C ILE A 561 -26.27 5.89 -5.88
N ASN A 562 -26.16 5.82 -7.20
CA ASN A 562 -26.85 4.75 -7.89
C ASN A 562 -26.36 3.37 -7.42
N ALA A 563 -25.06 3.22 -7.26
CA ALA A 563 -24.53 1.93 -6.80
C ALA A 563 -24.99 1.59 -5.39
N LYS A 564 -24.96 2.59 -4.50
CA LYS A 564 -25.42 2.39 -3.13
C LYS A 564 -26.87 1.95 -3.04
N LEU A 565 -27.71 2.44 -3.95
CA LEU A 565 -29.13 2.14 -3.88
C LEU A 565 -29.48 0.88 -4.70
N GLY A 566 -28.46 0.17 -5.17
CA GLY A 566 -28.66 -1.08 -5.88
C GLY A 566 -28.82 -1.02 -7.39
N GLY A 567 -28.53 0.13 -7.99
CA GLY A 567 -28.62 0.23 -9.44
C GLY A 567 -27.41 -0.41 -10.09
N ILE A 568 -27.39 -0.44 -11.43
CA ILE A 568 -26.25 -0.91 -12.20
C ILE A 568 -25.83 0.26 -13.08
N ASN A 569 -24.60 0.74 -12.95
CA ASN A 569 -24.22 1.95 -13.67
C ASN A 569 -24.02 1.63 -15.15
N ASN A 570 -23.31 0.54 -15.42
CA ASN A 570 -23.12 0.08 -16.77
C ASN A 570 -22.72 -1.40 -16.71
N VAL A 571 -22.71 -2.08 -17.86
CA VAL A 571 -22.18 -3.44 -17.91
C VAL A 571 -21.18 -3.59 -19.05
N LEU A 572 -20.24 -4.52 -18.89
CA LEU A 572 -19.39 -4.92 -20.02
C LEU A 572 -20.28 -5.40 -21.15
N VAL A 573 -20.00 -5.01 -22.38
CA VAL A 573 -20.79 -5.54 -23.51
C VAL A 573 -20.62 -7.06 -23.50
N PRO A 574 -21.73 -7.81 -23.38
CA PRO A 574 -21.67 -9.22 -22.97
C PRO A 574 -20.90 -10.16 -23.91
N HIS A 575 -21.13 -10.05 -25.22
CA HIS A 575 -20.53 -11.00 -26.14
C HIS A 575 -19.03 -10.72 -26.40
N GLN A 576 -18.50 -9.69 -25.74
CA GLN A 576 -17.11 -9.30 -25.93
C GLN A 576 -16.28 -9.60 -24.69
N ARG A 577 -16.89 -10.26 -23.72
CA ARG A 577 -16.18 -10.70 -22.52
C ARG A 577 -15.39 -11.97 -22.85
N PRO A 578 -14.35 -12.28 -22.05
CA PRO A 578 -13.69 -13.56 -22.31
C PRO A 578 -14.66 -14.75 -22.15
N SER A 579 -14.22 -15.91 -22.62
CA SER A 579 -15.07 -17.09 -22.68
C SER A 579 -15.39 -17.66 -21.30
N VAL A 580 -14.70 -17.17 -20.28
CA VAL A 580 -14.97 -17.59 -18.90
C VAL A 580 -16.43 -17.25 -18.53
N PHE A 581 -17.00 -16.25 -19.19
CA PHE A 581 -18.40 -15.89 -18.92
C PHE A 581 -19.41 -16.83 -19.58
N GLN A 582 -18.94 -17.87 -20.26
CA GLN A 582 -19.87 -18.83 -20.88
C GLN A 582 -20.58 -19.69 -19.83
N GLN A 583 -20.02 -19.73 -18.62
CA GLN A 583 -20.62 -20.42 -17.50
C GLN A 583 -20.63 -19.46 -16.31
N PRO A 584 -21.49 -19.70 -15.31
CA PRO A 584 -21.49 -18.87 -14.10
C PRO A 584 -20.10 -18.73 -13.51
N VAL A 585 -19.70 -17.50 -13.21
CA VAL A 585 -18.37 -17.27 -12.68
C VAL A 585 -18.48 -16.15 -11.64
N ILE A 586 -17.79 -16.31 -10.53
CA ILE A 586 -17.80 -15.28 -9.51
C ILE A 586 -16.40 -14.70 -9.38
N PHE A 587 -16.32 -13.37 -9.22
CA PHE A 587 -15.05 -12.68 -9.01
C PHE A 587 -14.94 -12.24 -7.57
N LEU A 588 -13.84 -12.61 -6.92
CA LEU A 588 -13.62 -12.21 -5.55
C LEU A 588 -12.41 -11.30 -5.48
N GLY A 589 -12.47 -10.31 -4.59
CA GLY A 589 -11.31 -9.50 -4.26
C GLY A 589 -11.11 -9.57 -2.77
N ALA A 590 -9.87 -9.72 -2.33
CA ALA A 590 -9.57 -9.89 -0.92
C ALA A 590 -8.35 -9.06 -0.53
N ASP A 591 -8.38 -8.48 0.67
CA ASP A 591 -7.25 -7.72 1.14
C ASP A 591 -7.28 -7.71 2.66
N VAL A 592 -6.13 -7.41 3.23
CA VAL A 592 -5.99 -7.28 4.67
C VAL A 592 -5.25 -5.98 4.95
N THR A 593 -5.81 -5.12 5.79
CA THR A 593 -5.10 -3.91 6.18
C THR A 593 -4.60 -4.01 7.61
N HIS A 594 -3.42 -3.45 7.85
CA HIS A 594 -2.80 -3.49 9.16
C HIS A 594 -2.65 -2.08 9.70
N PRO A 595 -2.60 -1.95 11.03
CA PRO A 595 -2.30 -0.68 11.69
C PRO A 595 -0.80 -0.38 11.67
N PRO A 596 -0.42 0.90 11.81
CA PRO A 596 0.99 1.31 11.90
C PRO A 596 1.72 0.67 13.07
N LYS A 601 -1.68 -3.76 18.79
CA LYS A 601 -2.71 -3.00 19.49
C LYS A 601 -3.99 -2.90 18.67
N LYS A 602 -4.03 -1.95 17.75
CA LYS A 602 -5.16 -1.80 16.83
C LYS A 602 -5.29 -3.05 15.97
N PRO A 603 -6.53 -3.40 15.58
CA PRO A 603 -6.73 -4.66 14.84
C PRO A 603 -6.34 -4.58 13.39
N SER A 604 -6.02 -5.74 12.82
CA SER A 604 -5.96 -5.88 11.38
C SER A 604 -7.36 -6.14 10.88
N ILE A 605 -7.62 -5.75 9.63
CA ILE A 605 -8.95 -5.86 9.06
C ILE A 605 -8.89 -6.65 7.76
N ALA A 606 -9.70 -7.70 7.65
CA ALA A 606 -9.79 -8.51 6.43
C ALA A 606 -11.08 -8.22 5.70
N ALA A 607 -10.99 -8.04 4.39
CA ALA A 607 -12.15 -7.75 3.57
C ALA A 607 -12.15 -8.67 2.38
N VAL A 608 -13.32 -9.25 2.09
CA VAL A 608 -13.48 -10.02 0.84
C VAL A 608 -14.77 -9.61 0.16
N VAL A 609 -14.70 -9.26 -1.12
CA VAL A 609 -15.90 -8.83 -1.81
C VAL A 609 -16.15 -9.84 -2.93
N GLY A 610 -17.40 -9.95 -3.39
CA GLY A 610 -17.73 -10.92 -4.42
C GLY A 610 -18.79 -10.39 -5.37
N SER A 611 -18.67 -10.72 -6.65
CA SER A 611 -19.68 -10.28 -7.60
C SER A 611 -20.98 -10.99 -7.25
N MET A 612 -22.11 -10.34 -7.53
N MET A 612 -22.09 -10.34 -7.59
CA MET A 612 -23.40 -10.94 -7.24
CA MET A 612 -23.41 -10.82 -7.25
C MET A 612 -24.30 -10.92 -8.47
C MET A 612 -24.30 -10.92 -8.47
N ASP A 613 -23.70 -10.72 -9.64
CA ASP A 613 -24.41 -10.91 -10.90
C ASP A 613 -23.39 -11.33 -11.94
N GLY A 614 -23.89 -11.62 -13.15
CA GLY A 614 -23.04 -12.14 -14.19
C GLY A 614 -22.46 -11.08 -15.11
N HIS A 615 -22.68 -9.81 -14.80
CA HIS A 615 -22.27 -8.77 -15.76
C HIS A 615 -20.76 -8.63 -15.93
N PRO A 616 -19.97 -8.55 -14.82
CA PRO A 616 -20.26 -8.39 -13.39
C PRO A 616 -20.24 -6.91 -12.99
N SER A 617 -21.27 -6.46 -12.28
CA SER A 617 -21.32 -5.07 -11.87
C SER A 617 -21.51 -4.87 -10.38
N ARG A 618 -22.55 -5.50 -9.82
CA ARG A 618 -22.81 -5.40 -8.40
C ARG A 618 -21.91 -6.34 -7.59
N TYR A 619 -21.42 -5.84 -6.46
CA TYR A 619 -20.59 -6.65 -5.57
C TYR A 619 -21.13 -6.60 -4.14
N CYS A 620 -20.98 -7.71 -3.43
N CYS A 620 -20.98 -7.71 -3.43
CA CYS A 620 -21.31 -7.78 -2.01
CA CYS A 620 -21.31 -7.79 -2.00
C CYS A 620 -20.00 -7.80 -1.22
C CYS A 620 -20.02 -7.85 -1.20
N ALA A 621 -20.00 -7.25 -0.02
CA ALA A 621 -18.80 -7.25 0.82
C ALA A 621 -18.95 -8.12 2.07
N THR A 622 -17.83 -8.67 2.54
CA THR A 622 -17.71 -9.21 3.90
C THR A 622 -16.49 -8.60 4.56
N VAL A 623 -16.52 -8.43 5.87
CA VAL A 623 -15.39 -7.82 6.54
C VAL A 623 -15.22 -8.42 7.92
N ARG A 624 -13.97 -8.55 8.37
CA ARG A 624 -13.71 -9.09 9.73
C ARG A 624 -12.56 -8.35 10.39
N VAL A 625 -12.61 -8.28 11.71
CA VAL A 625 -11.46 -7.93 12.50
C VAL A 625 -10.65 -9.21 12.78
N GLN A 626 -9.33 -9.16 12.66
CA GLN A 626 -8.54 -10.28 13.15
C GLN A 626 -7.31 -9.80 13.92
N THR A 627 -6.68 -10.72 14.65
CA THR A 627 -5.43 -10.40 15.32
C THR A 627 -4.24 -10.94 14.54
N TYR A 638 3.83 -14.27 8.40
CA TYR A 638 3.16 -14.80 7.20
C TYR A 638 1.75 -15.29 7.54
N SER A 639 1.59 -15.96 8.68
CA SER A 639 0.28 -16.45 9.09
C SER A 639 -0.54 -15.28 9.60
N GLN A 640 0.12 -14.14 9.76
CA GLN A 640 -0.53 -12.89 10.12
C GLN A 640 -1.24 -12.28 8.92
N GLU A 641 -0.90 -12.75 7.73
CA GLU A 641 -1.51 -12.21 6.52
C GLU A 641 -2.71 -13.05 6.07
N VAL A 642 -2.77 -14.30 6.51
CA VAL A 642 -3.85 -15.18 6.10
C VAL A 642 -5.18 -14.64 6.62
N ILE A 643 -6.19 -14.67 5.77
CA ILE A 643 -7.51 -14.24 6.20
C ILE A 643 -8.14 -15.33 7.03
N GLN A 644 -8.27 -15.09 8.34
CA GLN A 644 -8.59 -16.16 9.28
C GLN A 644 -9.99 -16.74 9.09
N ASP A 645 -10.96 -15.90 8.79
CA ASP A 645 -12.35 -16.36 8.67
C ASP A 645 -12.75 -16.50 7.20
N LEU A 646 -11.77 -16.77 6.32
CA LEU A 646 -12.03 -16.80 4.88
C LEU A 646 -13.13 -17.77 4.47
N THR A 647 -13.21 -18.95 5.10
CA THR A 647 -14.26 -19.90 4.71
C THR A 647 -15.67 -19.31 4.87
N ASN A 648 -15.97 -18.78 6.04
CA ASN A 648 -17.29 -18.19 6.29
C ASN A 648 -17.56 -16.98 5.40
N MET A 649 -16.53 -16.16 5.15
N MET A 649 -16.53 -16.17 5.14
CA MET A 649 -16.68 -15.01 4.28
CA MET A 649 -16.70 -14.99 4.30
C MET A 649 -17.02 -15.43 2.86
C MET A 649 -17.01 -15.42 2.85
N VAL A 650 -16.25 -16.37 2.33
CA VAL A 650 -16.47 -16.82 0.96
C VAL A 650 -17.81 -17.53 0.85
N ARG A 651 -18.15 -18.30 1.86
CA ARG A 651 -19.44 -18.98 1.90
C ARG A 651 -20.58 -17.96 1.72
N GLU A 652 -20.52 -16.88 2.50
CA GLU A 652 -21.54 -15.84 2.43
C GLU A 652 -21.68 -15.26 1.02
N LEU A 653 -20.54 -15.01 0.39
CA LEU A 653 -20.54 -14.41 -0.94
C LEU A 653 -21.07 -15.39 -1.98
N LEU A 654 -20.68 -16.66 -1.86
CA LEU A 654 -21.19 -17.69 -2.79
C LEU A 654 -22.70 -17.80 -2.69
N ILE A 655 -23.21 -17.76 -1.47
CA ILE A 655 -24.65 -17.88 -1.25
C ILE A 655 -25.40 -16.67 -1.82
N GLN A 656 -24.87 -15.47 -1.65
CA GLN A 656 -25.51 -14.28 -2.25
C GLN A 656 -25.47 -14.34 -3.79
N PHE A 657 -24.35 -14.80 -4.36
CA PHE A 657 -24.27 -15.03 -5.81
C PHE A 657 -25.34 -16.04 -6.27
N TYR A 658 -25.41 -17.16 -5.56
CA TYR A 658 -26.37 -18.23 -5.85
C TYR A 658 -27.81 -17.70 -5.77
N LYS A 659 -28.10 -16.96 -4.71
CA LYS A 659 -29.43 -16.35 -4.52
C LYS A 659 -29.79 -15.41 -5.67
N SER A 660 -28.81 -14.61 -6.10
CA SER A 660 -29.06 -13.61 -7.13
CA SER A 660 -29.04 -13.61 -7.14
C SER A 660 -29.14 -14.17 -8.55
N THR A 661 -28.26 -15.11 -8.89
CA THR A 661 -28.24 -15.63 -10.26
C THR A 661 -28.95 -16.94 -10.44
N ARG A 662 -29.25 -17.61 -9.31
CA ARG A 662 -29.88 -18.94 -9.28
C ARG A 662 -28.92 -20.08 -9.71
N PHE A 663 -27.63 -19.77 -9.81
CA PHE A 663 -26.61 -20.78 -10.07
C PHE A 663 -25.42 -20.63 -9.14
N LYS A 664 -24.83 -21.75 -8.74
CA LYS A 664 -23.53 -21.68 -8.09
C LYS A 664 -22.50 -21.48 -9.19
N PRO A 665 -21.42 -20.73 -8.91
CA PRO A 665 -20.44 -20.51 -9.97
C PRO A 665 -19.66 -21.79 -10.29
N THR A 666 -19.34 -22.02 -11.56
CA THR A 666 -18.49 -23.16 -11.94
C THR A 666 -17.04 -22.77 -11.80
N ARG A 667 -16.77 -21.47 -11.70
CA ARG A 667 -15.40 -21.00 -11.54
C ARG A 667 -15.35 -19.85 -10.55
N ILE A 668 -14.31 -19.84 -9.73
CA ILE A 668 -14.05 -18.76 -8.78
C ILE A 668 -12.74 -18.09 -9.16
N ILE A 669 -12.79 -16.79 -9.48
CA ILE A 669 -11.59 -16.01 -9.78
C ILE A 669 -11.29 -15.12 -8.57
N TYR A 670 -10.17 -15.37 -7.90
CA TYR A 670 -9.87 -14.71 -6.64
C TYR A 670 -8.66 -13.81 -6.76
N TYR A 671 -8.89 -12.50 -6.66
CA TYR A 671 -7.80 -11.53 -6.71
C TYR A 671 -7.38 -11.13 -5.30
N ARG A 672 -6.13 -11.36 -4.96
CA ARG A 672 -5.64 -11.17 -3.60
C ARG A 672 -4.66 -10.01 -3.55
N GLY A 673 -5.03 -8.95 -2.83
CA GLY A 673 -4.10 -7.86 -2.58
C GLY A 673 -3.44 -7.98 -1.21
N GLY A 674 -2.49 -7.09 -0.94
CA GLY A 674 -1.90 -6.96 0.38
C GLY A 674 -0.89 -8.01 0.82
N VAL A 675 -0.36 -8.81 -0.10
CA VAL A 675 0.63 -9.80 0.28
C VAL A 675 1.92 -9.63 -0.49
N SER A 676 3.05 -9.75 0.20
CA SER A 676 4.36 -9.61 -0.43
C SER A 676 4.71 -10.85 -1.25
N GLU A 677 5.64 -10.69 -2.19
CA GLU A 677 6.12 -11.83 -2.98
C GLU A 677 6.64 -12.95 -2.07
N GLY A 678 7.34 -12.56 -1.01
CA GLY A 678 7.97 -13.53 -0.15
C GLY A 678 6.99 -14.40 0.62
N GLN A 679 5.76 -13.93 0.76
CA GLN A 679 4.77 -14.63 1.60
C GLN A 679 3.58 -15.16 0.84
N MET A 680 3.50 -14.83 -0.45
CA MET A 680 2.29 -15.10 -1.19
C MET A 680 2.01 -16.60 -1.32
N LYS A 681 3.03 -17.43 -1.49
CA LYS A 681 2.76 -18.86 -1.63
C LYS A 681 2.31 -19.45 -0.30
N GLN A 682 2.90 -18.99 0.79
CA GLN A 682 2.57 -19.44 2.14
C GLN A 682 1.15 -19.05 2.52
N VAL A 683 0.70 -17.91 2.00
CA VAL A 683 -0.68 -17.44 2.22
C VAL A 683 -1.68 -18.16 1.30
N ALA A 684 -1.28 -18.38 0.05
CA ALA A 684 -2.22 -18.93 -0.93
C ALA A 684 -2.68 -20.33 -0.55
N TRP A 685 -1.77 -21.14 -0.02
CA TRP A 685 -2.10 -22.54 0.26
C TRP A 685 -3.24 -22.71 1.31
N PRO A 686 -3.12 -22.11 2.51
CA PRO A 686 -4.27 -22.22 3.43
C PRO A 686 -5.52 -21.50 2.92
N GLU A 687 -5.38 -20.43 2.14
CA GLU A 687 -6.57 -19.73 1.65
C GLU A 687 -7.30 -20.55 0.59
N LEU A 688 -6.55 -21.27 -0.22
CA LEU A 688 -7.15 -22.21 -1.18
C LEU A 688 -7.94 -23.29 -0.47
N ILE A 689 -7.35 -23.86 0.58
CA ILE A 689 -8.03 -24.87 1.37
C ILE A 689 -9.34 -24.28 1.93
N ALA A 690 -9.27 -23.06 2.43
CA ALA A 690 -10.43 -22.40 3.03
C ALA A 690 -11.54 -22.11 2.01
N ILE A 691 -11.15 -21.75 0.79
CA ILE A 691 -12.13 -21.47 -0.27
C ILE A 691 -12.84 -22.76 -0.65
N ARG A 692 -12.08 -23.85 -0.79
CA ARG A 692 -12.72 -25.13 -1.09
C ARG A 692 -13.66 -25.57 0.02
N LYS A 693 -13.28 -25.33 1.29
CA LYS A 693 -14.16 -25.66 2.40
C LYS A 693 -15.48 -24.89 2.33
N ALA A 694 -15.42 -23.63 1.90
CA ALA A 694 -16.63 -22.84 1.72
C ALA A 694 -17.53 -23.46 0.67
N CYS A 695 -16.94 -23.89 -0.45
CA CYS A 695 -17.71 -24.56 -1.49
C CYS A 695 -18.42 -25.81 -0.97
N ILE A 696 -17.70 -26.67 -0.26
CA ILE A 696 -18.29 -27.91 0.27
C ILE A 696 -19.41 -27.62 1.26
N SER A 697 -19.33 -26.50 1.95
CA SER A 697 -20.37 -26.14 2.90
C SER A 697 -21.70 -25.78 2.20
N LEU A 698 -21.65 -25.42 0.91
CA LEU A 698 -22.89 -25.19 0.16
C LEU A 698 -23.45 -26.46 -0.43
N GLU A 699 -22.57 -27.41 -0.77
CA GLU A 699 -23.01 -28.66 -1.36
C GLU A 699 -21.87 -29.66 -1.39
N GLU A 700 -22.12 -30.88 -0.93
CA GLU A 700 -21.05 -31.87 -0.94
C GLU A 700 -20.55 -32.10 -2.37
N ASP A 701 -19.24 -32.20 -2.53
CA ASP A 701 -18.61 -32.44 -3.84
C ASP A 701 -18.78 -31.29 -4.85
N TYR A 702 -19.20 -30.13 -4.37
CA TYR A 702 -19.22 -28.95 -5.23
C TYR A 702 -17.78 -28.41 -5.27
N ARG A 703 -17.15 -28.57 -6.43
CA ARG A 703 -15.74 -28.24 -6.58
C ARG A 703 -15.49 -27.37 -7.80
N PRO A 704 -15.86 -26.08 -7.72
CA PRO A 704 -15.61 -25.22 -8.87
C PRO A 704 -14.12 -24.99 -9.05
N GLY A 705 -13.71 -24.68 -10.28
CA GLY A 705 -12.31 -24.38 -10.54
C GLY A 705 -11.92 -23.03 -9.96
N ILE A 706 -10.81 -23.01 -9.24
CA ILE A 706 -10.33 -21.77 -8.62
C ILE A 706 -9.11 -21.21 -9.36
N THR A 707 -9.10 -19.90 -9.63
CA THR A 707 -7.91 -19.22 -10.10
C THR A 707 -7.55 -18.19 -9.06
N TYR A 708 -6.32 -18.28 -8.56
CA TYR A 708 -5.84 -17.47 -7.44
C TYR A 708 -4.75 -16.56 -7.96
N ILE A 709 -5.00 -15.25 -7.90
CA ILE A 709 -4.14 -14.27 -8.53
C ILE A 709 -3.76 -13.21 -7.51
N VAL A 710 -2.47 -13.10 -7.22
CA VAL A 710 -2.02 -12.05 -6.32
C VAL A 710 -1.80 -10.77 -7.13
N VAL A 711 -2.30 -9.65 -6.61
CA VAL A 711 -2.17 -8.34 -7.24
C VAL A 711 -1.19 -7.55 -6.42
N GLN A 712 -0.14 -7.01 -7.03
CA GLN A 712 0.88 -6.29 -6.28
C GLN A 712 1.18 -4.95 -6.96
N LYS A 713 1.20 -3.86 -6.21
CA LYS A 713 1.68 -2.63 -6.82
C LYS A 713 2.66 -1.87 -5.93
N ARG A 714 3.16 -2.51 -4.87
CA ARG A 714 4.15 -1.83 -4.05
C ARG A 714 5.58 -2.10 -4.57
N HIS A 715 5.70 -2.82 -5.69
CA HIS A 715 7.00 -3.13 -6.28
C HIS A 715 7.55 -1.88 -6.96
N HIS A 716 8.76 -1.98 -7.49
CA HIS A 716 9.39 -0.81 -8.12
C HIS A 716 9.70 -1.04 -9.60
N THR A 717 8.96 -1.93 -10.24
CA THR A 717 9.07 -2.05 -11.69
C THR A 717 8.35 -0.90 -12.35
N ARG A 718 9.07 -0.19 -13.22
CA ARG A 718 8.51 0.93 -13.98
CA ARG A 718 8.49 0.90 -13.98
C ARG A 718 8.73 0.68 -15.46
N LEU A 719 7.73 1.00 -16.27
CA LEU A 719 7.77 0.86 -17.72
C LEU A 719 7.71 2.23 -18.37
N PHE A 720 8.52 2.39 -19.40
CA PHE A 720 8.61 3.63 -20.14
C PHE A 720 8.48 3.38 -21.64
N CYS A 721 7.78 4.27 -22.35
CA CYS A 721 7.73 4.18 -23.81
C CYS A 721 9.13 4.32 -24.38
N ALA A 722 9.56 3.35 -25.20
CA ALA A 722 10.84 3.48 -25.90
C ALA A 722 10.74 4.50 -27.03
N ASP A 723 9.53 4.66 -27.54
CA ASP A 723 9.24 5.59 -28.63
C ASP A 723 8.56 6.82 -28.03
N LYS A 724 9.27 7.95 -28.06
CA LYS A 724 8.80 9.18 -27.44
C LYS A 724 7.43 9.63 -27.88
N THR A 725 7.09 9.34 -29.13
CA THR A 725 5.81 9.80 -29.69
C THR A 725 4.63 9.01 -29.13
N GLU A 726 4.91 7.95 -28.36
CA GLU A 726 3.83 7.12 -27.83
C GLU A 726 3.53 7.44 -26.36
N ARG A 727 4.34 8.32 -25.76
CA ARG A 727 4.07 8.79 -24.41
C ARG A 727 2.72 9.47 -24.34
N VAL A 728 1.98 9.25 -23.26
CA VAL A 728 0.62 9.79 -23.13
C VAL A 728 0.52 10.90 -22.09
N GLY A 729 -0.02 12.05 -22.48
CA GLY A 729 -0.37 13.11 -21.54
C GLY A 729 0.84 13.88 -21.05
N LYS A 730 0.61 14.86 -20.16
CA LYS A 730 1.73 15.64 -19.62
C LYS A 730 2.71 14.77 -18.83
N SER A 731 2.21 13.70 -18.20
CA SER A 731 3.08 12.83 -17.41
C SER A 731 3.91 11.89 -18.29
N GLY A 732 3.53 11.77 -19.55
CA GLY A 732 4.29 11.00 -20.53
C GLY A 732 4.39 9.51 -20.22
N ASN A 733 3.33 8.94 -19.66
CA ASN A 733 3.34 7.52 -19.30
C ASN A 733 2.95 6.57 -20.43
N VAL A 734 3.13 5.27 -20.19
CA VAL A 734 2.64 4.26 -21.10
C VAL A 734 1.12 4.33 -21.13
N PRO A 735 0.52 3.93 -22.26
CA PRO A 735 -0.94 3.97 -22.31
C PRO A 735 -1.58 2.88 -21.47
N ALA A 736 -2.80 3.18 -21.03
CA ALA A 736 -3.65 2.21 -20.36
C ALA A 736 -3.74 0.97 -21.23
N GLY A 737 -3.60 -0.21 -20.61
CA GLY A 737 -3.64 -1.48 -21.32
C GLY A 737 -2.28 -2.10 -21.59
N THR A 738 -1.22 -1.35 -21.30
CA THR A 738 0.15 -1.81 -21.58
C THR A 738 0.47 -3.04 -20.74
N THR A 739 0.84 -4.14 -21.40
CA THR A 739 0.97 -5.44 -20.75
C THR A 739 2.32 -6.05 -21.08
N VAL A 740 2.98 -6.63 -20.07
CA VAL A 740 4.28 -7.23 -20.27
C VAL A 740 4.27 -8.61 -19.66
N ASP A 741 4.56 -9.64 -20.43
CA ASP A 741 4.66 -10.98 -19.88
C ASP A 741 5.89 -11.72 -20.37
N SER A 742 6.90 -10.96 -20.76
CA SER A 742 8.17 -11.54 -21.13
C SER A 742 9.32 -10.64 -20.67
N THR A 743 10.52 -11.21 -20.73
CA THR A 743 11.81 -10.51 -20.60
C THR A 743 12.12 -10.08 -19.15
N ILE A 744 11.16 -9.48 -18.43
CA ILE A 744 11.45 -9.09 -17.05
C ILE A 744 10.58 -9.85 -16.06
N THR A 745 9.76 -10.76 -16.59
CA THR A 745 8.85 -11.52 -15.77
C THR A 745 9.49 -12.85 -15.37
N HIS A 746 8.75 -13.67 -14.64
CA HIS A 746 9.34 -14.90 -14.09
C HIS A 746 9.72 -15.91 -15.19
N PRO A 747 10.87 -16.61 -15.03
CA PRO A 747 11.33 -17.54 -16.08
C PRO A 747 10.37 -18.71 -16.35
N SER A 748 9.58 -19.11 -15.37
CA SER A 748 8.74 -20.29 -15.54
C SER A 748 7.30 -20.14 -15.04
N GLU A 749 7.08 -19.27 -14.06
CA GLU A 749 5.73 -19.12 -13.51
C GLU A 749 4.87 -18.16 -14.31
N PHE A 750 3.61 -18.07 -13.92
CA PHE A 750 2.58 -17.38 -14.69
C PHE A 750 2.35 -16.00 -14.11
N ASP A 751 3.09 -15.01 -14.59
CA ASP A 751 2.92 -13.67 -14.07
C ASP A 751 2.93 -12.66 -15.22
N PHE A 752 2.41 -11.47 -14.95
CA PHE A 752 2.47 -10.39 -15.93
C PHE A 752 2.30 -9.04 -15.26
N TYR A 753 2.81 -8.01 -15.93
CA TYR A 753 2.54 -6.63 -15.55
C TYR A 753 1.49 -6.10 -16.50
N LEU A 754 0.55 -5.35 -15.94
CA LEU A 754 -0.50 -4.71 -16.72
C LEU A 754 -0.70 -3.33 -16.12
N CYS A 755 -0.40 -2.29 -16.88
CA CYS A 755 -0.67 -0.93 -16.45
C CYS A 755 -2.06 -0.59 -17.01
N SER A 756 -3.08 -0.86 -16.22
CA SER A 756 -4.46 -0.78 -16.74
C SER A 756 -4.99 0.65 -16.78
N HIS A 757 -4.30 1.58 -16.12
CA HIS A 757 -4.80 2.94 -15.91
C HIS A 757 -4.00 3.96 -16.70
N ALA A 758 -4.61 5.10 -16.96
CA ALA A 758 -3.90 6.22 -17.56
C ALA A 758 -3.17 6.95 -16.46
N GLY A 759 -1.91 7.31 -16.70
CA GLY A 759 -1.14 8.01 -15.70
C GLY A 759 -1.54 9.48 -15.69
N ILE A 760 -1.89 9.99 -14.52
CA ILE A 760 -2.34 11.39 -14.41
C ILE A 760 -1.18 12.27 -14.02
N GLN A 761 -0.42 11.84 -13.02
CA GLN A 761 0.78 12.56 -12.64
C GLN A 761 1.88 11.60 -12.21
N GLY A 762 3.11 12.09 -12.21
CA GLY A 762 4.24 11.25 -11.87
C GLY A 762 4.36 10.06 -12.80
N THR A 763 4.99 9.00 -12.31
CA THR A 763 5.17 7.80 -13.11
C THR A 763 4.19 6.72 -12.67
N SER A 764 3.47 6.15 -13.63
CA SER A 764 2.54 5.06 -13.33
C SER A 764 3.22 3.83 -12.71
N ARG A 765 2.52 3.18 -11.78
CA ARG A 765 2.95 1.89 -11.24
C ARG A 765 2.11 0.84 -11.92
N PRO A 766 2.71 0.03 -12.80
CA PRO A 766 1.96 -1.06 -13.41
C PRO A 766 1.69 -2.13 -12.37
N SER A 767 0.46 -2.62 -12.28
CA SER A 767 0.20 -3.68 -11.33
C SER A 767 0.84 -4.98 -11.83
N HIS A 768 1.31 -5.78 -10.88
CA HIS A 768 1.92 -7.07 -11.14
C HIS A 768 0.96 -8.15 -10.69
N TYR A 769 0.64 -9.07 -11.58
CA TYR A 769 -0.28 -10.16 -11.30
C TYR A 769 0.48 -11.49 -11.33
N GLN A 770 0.28 -12.29 -10.30
CA GLN A 770 0.95 -13.59 -10.21
C GLN A 770 -0.07 -14.67 -10.00
N VAL A 771 -0.11 -15.62 -10.91
CA VAL A 771 -1.11 -16.67 -10.82
C VAL A 771 -0.57 -17.82 -9.97
N LEU A 772 -1.03 -17.93 -8.73
CA LEU A 772 -0.50 -18.95 -7.84
C LEU A 772 -1.25 -20.28 -7.95
N TRP A 773 -2.45 -20.25 -8.53
CA TRP A 773 -3.21 -21.49 -8.72
C TRP A 773 -4.20 -21.29 -9.86
N ASP A 774 -4.36 -22.28 -10.73
CA ASP A 774 -5.34 -22.12 -11.79
C ASP A 774 -5.94 -23.43 -12.26
N ASP A 775 -7.04 -23.82 -11.63
CA ASP A 775 -7.81 -24.99 -12.08
C ASP A 775 -8.41 -24.78 -13.47
N ASN A 776 -8.55 -23.53 -13.87
CA ASN A 776 -9.37 -23.20 -15.04
C ASN A 776 -8.57 -23.12 -16.32
N CYS A 777 -7.26 -23.33 -16.21
CA CYS A 777 -6.36 -23.38 -17.36
C CYS A 777 -6.56 -22.21 -18.33
N PHE A 778 -6.53 -21.00 -17.79
CA PHE A 778 -6.53 -19.79 -18.61
C PHE A 778 -5.37 -19.77 -19.59
N THR A 779 -5.59 -19.25 -20.80
CA THR A 779 -4.46 -18.85 -21.63
C THR A 779 -3.97 -17.51 -21.09
N ALA A 780 -2.76 -17.13 -21.49
CA ALA A 780 -2.19 -15.84 -21.11
C ALA A 780 -3.10 -14.69 -21.57
N ASP A 781 -3.53 -14.73 -22.82
CA ASP A 781 -4.40 -13.66 -23.35
C ASP A 781 -5.72 -13.59 -22.60
N GLU A 782 -6.35 -14.75 -22.36
CA GLU A 782 -7.65 -14.74 -21.70
C GLU A 782 -7.55 -14.09 -20.33
N LEU A 783 -6.52 -14.45 -19.56
CA LEU A 783 -6.45 -13.91 -18.20
C LEU A 783 -6.04 -12.43 -18.21
N GLN A 784 -5.18 -12.04 -19.14
CA GLN A 784 -4.73 -10.65 -19.21
C GLN A 784 -5.92 -9.77 -19.62
N LEU A 785 -6.66 -10.22 -20.61
CA LEU A 785 -7.86 -9.50 -21.06
C LEU A 785 -8.94 -9.43 -19.98
N LEU A 786 -9.16 -10.54 -19.28
CA LEU A 786 -10.15 -10.56 -18.21
C LEU A 786 -9.80 -9.56 -17.14
N THR A 787 -8.53 -9.62 -16.69
CA THR A 787 -8.05 -8.72 -15.65
C THR A 787 -8.23 -7.25 -16.07
N TYR A 788 -7.87 -6.94 -17.31
CA TYR A 788 -8.03 -5.57 -17.84
C TYR A 788 -9.50 -5.15 -17.88
N GLN A 789 -10.38 -6.02 -18.37
CA GLN A 789 -11.81 -5.66 -18.44
C GLN A 789 -12.38 -5.37 -17.06
N LEU A 790 -11.94 -6.11 -16.03
CA LEU A 790 -12.45 -5.90 -14.66
C LEU A 790 -12.03 -4.54 -14.10
N CYS A 791 -10.96 -3.99 -14.64
CA CYS A 791 -10.53 -2.64 -14.26
C CYS A 791 -11.47 -1.56 -14.83
N HIS A 792 -12.37 -1.95 -15.73
CA HIS A 792 -13.34 -1.01 -16.30
C HIS A 792 -14.73 -1.11 -15.69
N THR A 793 -14.88 -1.86 -14.61
CA THR A 793 -16.20 -2.09 -14.02
C THR A 793 -16.33 -1.41 -12.66
N TYR A 794 -15.37 -0.55 -12.33
CA TYR A 794 -15.34 0.11 -11.03
C TYR A 794 -16.31 1.29 -11.00
N VAL A 795 -17.29 1.26 -10.08
CA VAL A 795 -18.45 2.16 -10.20
C VAL A 795 -18.16 3.62 -9.93
N ARG A 796 -17.06 3.92 -9.25
CA ARG A 796 -16.87 5.29 -8.75
C ARG A 796 -16.36 6.30 -9.77
N CYS A 797 -15.96 5.83 -10.95
CA CYS A 797 -15.48 6.74 -12.00
C CYS A 797 -15.56 6.09 -13.37
N THR A 798 -15.71 6.90 -14.40
CA THR A 798 -15.71 6.43 -15.77
C THR A 798 -14.26 6.42 -16.28
N ARG A 799 -13.44 5.61 -15.63
CA ARG A 799 -12.03 5.47 -15.97
C ARG A 799 -11.61 4.03 -15.70
N SER A 800 -10.63 3.53 -16.44
CA SER A 800 -10.01 2.25 -16.11
C SER A 800 -9.12 2.45 -14.88
N VAL A 801 -9.34 1.70 -13.79
CA VAL A 801 -8.54 1.93 -12.59
C VAL A 801 -7.37 0.95 -12.54
N SER A 802 -6.46 1.15 -11.59
CA SER A 802 -5.14 0.51 -11.63
C SER A 802 -5.14 -0.97 -11.21
N ILE A 803 -6.22 -1.41 -10.59
CA ILE A 803 -6.40 -2.80 -10.14
C ILE A 803 -7.86 -3.19 -10.42
N PRO A 804 -8.13 -4.50 -10.51
CA PRO A 804 -9.50 -4.92 -10.83
C PRO A 804 -10.48 -4.43 -9.79
N ALA A 805 -11.70 -4.11 -10.22
CA ALA A 805 -12.70 -3.55 -9.31
C ALA A 805 -12.83 -4.36 -7.99
N PRO A 806 -12.89 -5.71 -8.07
CA PRO A 806 -13.08 -6.38 -6.78
C PRO A 806 -11.91 -6.21 -5.81
N ALA A 807 -10.67 -6.14 -6.32
CA ALA A 807 -9.54 -5.90 -5.44
C ALA A 807 -9.63 -4.49 -4.85
N TYR A 808 -10.12 -3.54 -5.62
CA TYR A 808 -10.21 -2.16 -5.14
C TYR A 808 -11.32 -2.06 -4.08
N TYR A 809 -12.49 -2.65 -4.37
CA TYR A 809 -13.59 -2.66 -3.37
C TYR A 809 -13.16 -3.24 -2.03
N ALA A 810 -12.37 -4.31 -2.07
CA ALA A 810 -11.89 -4.93 -0.84
C ALA A 810 -11.13 -3.92 -0.01
N ARG A 811 -10.33 -3.09 -0.67
CA ARG A 811 -9.63 -2.06 0.09
C ARG A 811 -10.60 -1.03 0.66
N LEU A 812 -11.57 -0.62 -0.14
CA LEU A 812 -12.58 0.36 0.33
C LEU A 812 -13.33 -0.17 1.54
N VAL A 813 -13.68 -1.46 1.51
CA VAL A 813 -14.40 -2.10 2.61
C VAL A 813 -13.57 -2.12 3.87
N ALA A 814 -12.28 -2.43 3.73
CA ALA A 814 -11.39 -2.44 4.88
C ALA A 814 -11.23 -1.04 5.49
N PHE A 815 -11.02 -0.03 4.64
CA PHE A 815 -10.93 1.36 5.10
C PHE A 815 -12.19 1.82 5.81
N ARG A 816 -13.35 1.46 5.27
CA ARG A 816 -14.62 1.82 5.92
C ARG A 816 -14.70 1.25 7.33
N ALA A 817 -14.29 0.00 7.49
CA ALA A 817 -14.34 -0.66 8.79
C ALA A 817 -13.52 0.12 9.82
N ARG A 818 -12.41 0.72 9.39
CA ARG A 818 -11.64 1.61 10.28
C ARG A 818 -12.49 2.74 10.83
N TYR A 819 -13.33 3.33 9.98
CA TYR A 819 -14.19 4.42 10.43
C TYR A 819 -15.22 3.88 11.40
N HIS A 820 -15.74 2.68 11.13
CA HIS A 820 -16.71 2.08 12.04
C HIS A 820 -16.09 1.83 13.42
N LEU A 821 -14.78 1.64 13.47
CA LEU A 821 -14.07 1.37 14.73
C LEU A 821 -13.71 2.63 15.52
N VAL A 822 -13.86 3.80 14.90
CA VAL A 822 -13.59 5.05 15.61
C VAL A 822 -14.55 5.17 16.77
N ASP A 823 -14.04 5.62 17.92
CA ASP A 823 -14.91 5.90 19.05
C ASP A 823 -15.14 7.39 19.20
N LYS A 824 -16.27 7.86 18.68
CA LYS A 824 -16.81 9.15 19.04
C LYS A 824 -16.78 9.28 20.55
N ASP A 825 -15.75 9.98 21.06
CA ASP A 825 -15.53 10.26 22.48
C ASP A 825 -15.43 9.03 23.40
N ARG A 841 -10.75 -2.32 23.80
CA ARG A 841 -12.06 -2.92 23.59
C ARG A 841 -11.98 -4.44 23.38
N ASP A 842 -13.06 -5.11 23.76
CA ASP A 842 -13.19 -6.56 23.72
C ASP A 842 -13.21 -7.09 22.27
N PRO A 843 -12.55 -8.23 22.01
CA PRO A 843 -12.48 -8.76 20.64
C PRO A 843 -13.85 -8.99 20.01
N GLN A 844 -14.82 -9.39 20.81
CA GLN A 844 -16.17 -9.59 20.30
C GLN A 844 -16.85 -8.23 20.11
N ALA A 845 -16.41 -7.23 20.89
CA ALA A 845 -16.88 -5.86 20.72
C ALA A 845 -16.35 -5.25 19.43
N LEU A 846 -15.06 -5.45 19.15
CA LEU A 846 -14.48 -5.00 17.89
C LEU A 846 -15.21 -5.62 16.71
N ALA A 847 -15.55 -6.92 16.82
CA ALA A 847 -16.26 -7.62 15.77
C ALA A 847 -17.67 -7.07 15.54
N LYS A 848 -18.38 -6.71 16.61
CA LYS A 848 -19.72 -6.20 16.40
C LYS A 848 -19.67 -4.77 15.84
N ALA A 849 -18.58 -4.05 16.11
CA ALA A 849 -18.41 -2.69 15.60
C ALA A 849 -18.32 -2.63 14.07
N VAL A 850 -17.83 -3.67 13.42
CA VAL A 850 -17.67 -3.62 11.97
C VAL A 850 -18.75 -4.43 11.26
N GLN A 851 -19.71 -4.97 12.04
CA GLN A 851 -20.86 -5.64 11.44
C GLN A 851 -21.81 -4.65 10.76
N ILE A 852 -22.09 -4.90 9.50
CA ILE A 852 -23.03 -4.06 8.76
C ILE A 852 -24.45 -4.44 9.12
N HIS A 853 -25.31 -3.45 9.32
CA HIS A 853 -26.74 -3.68 9.59
C HIS A 853 -27.34 -4.59 8.51
N HIS A 854 -28.26 -5.51 8.80
CA HIS A 854 -28.80 -6.21 7.62
C HIS A 854 -29.47 -5.43 6.54
N ASP A 855 -30.01 -4.25 6.79
CA ASP A 855 -30.64 -3.56 5.67
C ASP A 855 -29.65 -3.08 4.62
N THR A 856 -28.37 -3.07 4.97
CA THR A 856 -27.37 -2.60 4.02
C THR A 856 -26.24 -3.61 3.79
N GLN A 857 -26.28 -4.73 4.49
CA GLN A 857 -25.13 -5.63 4.49
C GLN A 857 -24.84 -6.17 3.09
N HIS A 858 -25.87 -6.31 2.27
CA HIS A 858 -25.65 -6.83 0.92
C HIS A 858 -25.74 -5.73 -0.13
N THR A 859 -25.57 -4.48 0.29
CA THR A 859 -25.52 -3.35 -0.66
C THR A 859 -24.11 -2.82 -0.86
N MET A 860 -23.91 -1.96 -1.87
CA MET A 860 -22.60 -1.40 -2.08
C MET A 860 -22.38 -0.15 -1.19
N TYR A 861 -22.46 -0.35 0.11
CA TYR A 861 -22.39 0.76 1.08
C TYR A 861 -20.99 1.37 1.04
N PHE A 862 -20.05 0.62 0.50
CA PHE A 862 -18.64 1.02 0.47
C PHE A 862 -18.32 1.87 -0.76
N ALA A 863 -19.29 2.07 -1.65
CA ALA A 863 -19.05 2.86 -2.85
C ALA A 863 -18.72 4.30 -2.49
#